data_5VRC
#
_entry.id   5VRC
#
_cell.length_a   62.501
_cell.length_b   114.185
_cell.length_c   145.403
_cell.angle_alpha   90.00
_cell.angle_beta   90.00
_cell.angle_gamma   90.00
#
_symmetry.space_group_name_H-M   'P 21 21 21'
#
loop_
_entity.id
_entity.type
_entity.pdbx_description
1 polymer 'Bifunctional coenzyme PQQ synthesis protein C/D'
2 water water
#
_entity_poly.entity_id   1
_entity_poly.type   'polypeptide(L)'
_entity_poly.pdbx_seq_one_letter_code
;MGSSHHHHHHSSGLVPRGSHMTAQFPPPVPDTEQRLLSHEELEAALRDIGARRYHNLHPFHRLLHDGKLSKDQVRAWALN
RYYYQAMIPVKDAALLARLPDAQLRRIWRQRIVDHDGDHEGDGGIERWLKLAEGVGFTRDYVLSTKGILSATRFSVDAYV
HFVSERSLLEAIASSLTEMFSPTIISERVAGMLKNYDFITKDTLAYFDKRLTQAPRDADFALDYVKRHATTPEMQRAAID
ALTFKCNVLWTQLDALYFAYVAPGMVPPDAWQPGEGLVAE
;
_entity_poly.pdbx_strand_id   A,B,C,D
#
# COMPACT_ATOMS: atom_id res chain seq x y z
N GLN A 34 -30.85 10.39 10.82
CA GLN A 34 -29.83 9.88 9.81
C GLN A 34 -30.16 8.53 9.16
N ARG A 35 -31.34 8.32 8.63
CA ARG A 35 -31.75 6.95 8.25
C ARG A 35 -31.27 6.45 6.88
N LEU A 36 -31.42 5.15 6.66
CA LEU A 36 -31.19 4.50 5.34
C LEU A 36 -32.00 5.27 4.31
N LEU A 37 -31.37 5.62 3.18
CA LEU A 37 -32.15 6.18 1.98
C LEU A 37 -32.64 5.13 1.00
N SER A 38 -33.80 5.33 0.40
CA SER A 38 -34.17 4.48 -0.78
C SER A 38 -33.20 4.67 -1.99
N HIS A 39 -33.22 3.73 -2.93
CA HIS A 39 -32.31 3.78 -4.12
C HIS A 39 -32.52 5.07 -4.89
N GLU A 40 -33.79 5.55 -4.95
CA GLU A 40 -34.17 6.89 -5.47
C GLU A 40 -33.64 8.12 -4.68
N GLU A 41 -33.85 8.12 -3.35
CA GLU A 41 -33.44 9.20 -2.47
C GLU A 41 -31.87 9.26 -2.49
N LEU A 42 -31.21 8.10 -2.57
CA LEU A 42 -29.75 8.07 -2.65
C LEU A 42 -29.22 8.68 -4.00
N GLU A 43 -29.79 8.29 -5.12
CA GLU A 43 -29.50 8.93 -6.39
C GLU A 43 -29.75 10.45 -6.31
N ALA A 44 -30.94 10.86 -5.80
CA ALA A 44 -31.22 12.31 -5.61
C ALA A 44 -30.11 12.97 -4.75
N ALA A 45 -29.67 12.30 -3.68
CA ALA A 45 -28.72 12.91 -2.79
C ALA A 45 -27.35 13.03 -3.45
N LEU A 46 -26.97 12.03 -4.21
CA LEU A 46 -25.69 12.08 -4.89
C LEU A 46 -25.72 13.23 -5.87
N ARG A 47 -26.74 13.26 -6.71
CA ARG A 47 -26.96 14.37 -7.65
C ARG A 47 -26.89 15.71 -6.97
N ASP A 48 -27.57 15.86 -5.87
CA ASP A 48 -27.52 17.09 -5.13
C ASP A 48 -26.10 17.53 -4.69
N ILE A 49 -25.22 16.57 -4.37
CA ILE A 49 -23.75 16.84 -4.30
C ILE A 49 -23.09 17.57 -5.51
N GLY A 50 -23.26 17.17 -6.77
CA GLY A 50 -22.70 18.00 -7.93
C GLY A 50 -23.34 19.37 -8.04
N ALA A 51 -24.61 19.40 -7.79
CA ALA A 51 -25.30 20.66 -7.95
C ALA A 51 -24.70 21.73 -6.98
N ARG A 52 -24.16 21.25 -5.86
CA ARG A 52 -23.66 22.15 -4.87
C ARG A 52 -22.11 22.20 -4.95
N ARG A 53 -21.41 21.14 -5.40
CA ARG A 53 -19.88 21.02 -5.21
C ARG A 53 -19.03 20.76 -6.42
N TYR A 54 -19.67 20.62 -7.56
CA TYR A 54 -18.97 20.25 -8.73
C TYR A 54 -18.23 21.51 -9.30
N HIS A 55 -17.11 21.23 -9.97
CA HIS A 55 -16.11 22.29 -10.22
C HIS A 55 -16.50 23.34 -11.23
N ASN A 56 -17.66 23.17 -11.88
CA ASN A 56 -18.13 24.19 -12.77
C ASN A 56 -18.63 25.41 -12.01
N LEU A 57 -18.85 25.32 -10.70
CA LEU A 57 -19.18 26.44 -9.86
C LEU A 57 -17.90 27.23 -9.40
N HIS A 58 -16.74 26.65 -9.68
CA HIS A 58 -15.55 27.22 -9.19
C HIS A 58 -15.25 28.56 -9.89
N PRO A 59 -14.81 29.63 -9.16
CA PRO A 59 -14.44 30.92 -9.84
C PRO A 59 -13.40 30.76 -10.97
N PHE A 60 -12.43 29.85 -10.86
CA PHE A 60 -11.43 29.75 -11.95
C PHE A 60 -12.10 29.22 -13.25
N HIS A 61 -12.85 28.17 -13.08
CA HIS A 61 -13.68 27.63 -14.14
C HIS A 61 -14.67 28.65 -14.75
N ARG A 62 -15.39 29.37 -13.90
CA ARG A 62 -16.21 30.46 -14.38
C ARG A 62 -15.48 31.51 -15.27
N LEU A 63 -14.29 31.88 -14.86
CA LEU A 63 -13.45 32.76 -15.64
C LEU A 63 -13.05 32.10 -16.95
N LEU A 64 -12.62 30.82 -16.83
CA LEU A 64 -12.16 30.02 -18.01
C LEU A 64 -13.33 29.95 -19.05
N HIS A 65 -14.50 29.56 -18.54
CA HIS A 65 -15.73 29.41 -19.30
C HIS A 65 -16.26 30.73 -19.90
N ASP A 66 -16.12 31.84 -19.19
CA ASP A 66 -16.66 33.13 -19.66
C ASP A 66 -15.68 33.88 -20.47
N GLY A 67 -14.64 33.23 -20.89
CA GLY A 67 -13.62 33.86 -21.70
C GLY A 67 -12.77 34.93 -21.04
N LYS A 68 -12.59 34.92 -19.71
CA LYS A 68 -11.89 36.04 -19.03
C LYS A 68 -10.40 35.83 -18.84
N LEU A 69 -9.89 34.63 -19.03
CA LEU A 69 -8.54 34.36 -18.65
C LEU A 69 -7.54 34.90 -19.66
N SER A 70 -6.30 35.15 -19.21
CA SER A 70 -5.22 35.41 -20.15
C SER A 70 -4.69 34.13 -20.80
N LYS A 71 -3.82 34.29 -21.77
CA LYS A 71 -3.05 33.22 -22.29
C LYS A 71 -2.19 32.53 -21.21
N ASP A 72 -1.43 33.22 -20.43
CA ASP A 72 -0.80 32.62 -19.27
C ASP A 72 -1.56 31.84 -18.25
N GLN A 73 -2.74 32.38 -17.91
CA GLN A 73 -3.68 31.62 -17.11
C GLN A 73 -4.17 30.33 -17.72
N VAL A 74 -4.49 30.34 -19.03
CA VAL A 74 -4.92 29.17 -19.67
C VAL A 74 -3.71 28.20 -19.73
N ARG A 75 -2.51 28.72 -19.99
CA ARG A 75 -1.32 27.83 -19.91
C ARG A 75 -1.17 27.12 -18.57
N ALA A 76 -1.23 27.89 -17.48
CA ALA A 76 -1.09 27.30 -16.19
C ALA A 76 -2.21 26.23 -16.03
N TRP A 77 -3.41 26.55 -16.47
CA TRP A 77 -4.46 25.59 -16.30
C TRP A 77 -4.16 24.31 -17.09
N ALA A 78 -3.69 24.50 -18.34
CA ALA A 78 -3.49 23.36 -19.24
C ALA A 78 -2.39 22.48 -18.73
N LEU A 79 -1.39 23.14 -18.11
CA LEU A 79 -0.24 22.43 -17.61
C LEU A 79 -0.56 21.57 -16.42
N ASN A 80 -1.36 22.13 -15.50
CA ASN A 80 -1.77 21.45 -14.31
C ASN A 80 -2.77 20.38 -14.54
N ARG A 81 -3.78 20.74 -15.34
CA ARG A 81 -4.80 19.78 -15.73
C ARG A 81 -4.24 18.52 -16.38
N TYR A 82 -3.16 18.67 -17.15
CA TYR A 82 -2.50 17.52 -17.71
C TYR A 82 -2.23 16.43 -16.69
N TYR A 83 -1.73 16.84 -15.50
CA TYR A 83 -1.36 15.91 -14.54
C TYR A 83 -2.56 15.12 -14.07
N TYR A 84 -3.66 15.80 -13.81
CA TYR A 84 -4.91 15.19 -13.40
C TYR A 84 -5.36 14.16 -14.46
N GLN A 85 -5.32 14.57 -15.70
CA GLN A 85 -5.74 13.67 -16.87
C GLN A 85 -4.73 12.53 -17.06
N ALA A 86 -3.45 12.77 -16.83
CA ALA A 86 -2.47 11.67 -16.99
C ALA A 86 -2.55 10.66 -15.86
N MET A 87 -3.13 11.03 -14.71
CA MET A 87 -3.28 10.11 -13.65
C MET A 87 -4.64 9.35 -13.56
N ILE A 88 -5.63 9.70 -14.35
CA ILE A 88 -6.87 8.91 -14.45
C ILE A 88 -6.69 7.44 -14.67
N PRO A 89 -5.90 7.06 -15.73
CA PRO A 89 -5.72 5.62 -15.94
C PRO A 89 -4.88 4.96 -14.82
N VAL A 90 -4.02 5.71 -14.13
CA VAL A 90 -3.38 5.16 -12.97
C VAL A 90 -4.41 4.82 -11.89
N LYS A 91 -5.18 5.81 -11.58
CA LYS A 91 -6.36 5.60 -10.60
C LYS A 91 -7.23 4.42 -11.00
N ASP A 92 -7.60 4.34 -12.33
CA ASP A 92 -8.44 3.21 -12.81
C ASP A 92 -7.76 1.94 -12.78
N ALA A 93 -6.41 1.95 -12.97
CA ALA A 93 -5.72 0.69 -12.78
C ALA A 93 -5.73 0.23 -11.37
N ALA A 94 -5.40 1.12 -10.44
CA ALA A 94 -5.34 0.79 -8.96
C ALA A 94 -6.77 0.24 -8.54
N LEU A 95 -7.81 0.86 -9.14
CA LEU A 95 -9.24 0.40 -8.90
C LEU A 95 -9.47 -1.02 -9.51
N LEU A 96 -8.86 -1.22 -10.68
CA LEU A 96 -9.02 -2.46 -11.38
C LEU A 96 -8.40 -3.60 -10.62
N ALA A 97 -7.26 -3.33 -9.99
CA ALA A 97 -6.62 -4.37 -9.20
C ALA A 97 -7.47 -4.83 -7.99
N ARG A 98 -8.53 -4.10 -7.61
CA ARG A 98 -9.29 -4.43 -6.42
C ARG A 98 -10.62 -4.95 -6.73
N LEU A 99 -11.00 -5.02 -7.97
CA LEU A 99 -12.29 -5.60 -8.35
C LEU A 99 -12.31 -7.09 -8.15
N PRO A 100 -13.43 -7.67 -7.66
CA PRO A 100 -13.27 -9.06 -7.19
C PRO A 100 -13.34 -10.09 -8.24
N ASP A 101 -13.76 -9.75 -9.43
CA ASP A 101 -13.78 -10.76 -10.46
C ASP A 101 -13.60 -10.19 -11.81
N ALA A 102 -13.41 -11.11 -12.73
CA ALA A 102 -13.29 -10.86 -14.14
C ALA A 102 -14.40 -10.00 -14.72
N GLN A 103 -15.62 -10.24 -14.38
CA GLN A 103 -16.70 -9.57 -15.10
C GLN A 103 -16.64 -8.05 -14.83
N LEU A 104 -16.42 -7.67 -13.55
CA LEU A 104 -16.30 -6.29 -13.14
C LEU A 104 -15.01 -5.70 -13.75
N ARG A 105 -13.93 -6.52 -13.86
CA ARG A 105 -12.68 -5.97 -14.51
C ARG A 105 -13.00 -5.69 -15.96
N ARG A 106 -13.68 -6.61 -16.61
CA ARG A 106 -14.08 -6.41 -18.02
C ARG A 106 -14.76 -5.04 -18.20
N ILE A 107 -15.68 -4.67 -17.30
CA ILE A 107 -16.41 -3.41 -17.49
C ILE A 107 -15.47 -2.25 -17.17
N TRP A 108 -14.80 -2.31 -16.02
CA TRP A 108 -13.92 -1.15 -15.64
C TRP A 108 -12.71 -0.89 -16.62
N ARG A 109 -12.17 -1.97 -17.17
CA ARG A 109 -11.02 -1.92 -18.10
C ARG A 109 -11.23 -0.90 -19.26
N GLN A 110 -12.48 -0.76 -19.75
CA GLN A 110 -12.75 0.16 -20.89
C GLN A 110 -12.37 1.58 -20.60
N ARG A 111 -12.59 2.03 -19.36
CA ARG A 111 -12.09 3.31 -18.95
C ARG A 111 -10.58 3.52 -19.25
N ILE A 112 -9.75 2.49 -18.96
CA ILE A 112 -8.28 2.58 -19.18
C ILE A 112 -8.03 2.62 -20.67
N VAL A 113 -8.76 1.82 -21.39
CA VAL A 113 -8.68 1.82 -22.81
C VAL A 113 -8.95 3.24 -23.35
N ASP A 114 -9.99 3.90 -22.87
CA ASP A 114 -10.39 5.19 -23.43
C ASP A 114 -9.41 6.21 -23.14
N HIS A 115 -8.78 6.23 -21.92
CA HIS A 115 -7.77 7.22 -21.61
C HIS A 115 -6.36 6.97 -22.27
N ASP A 116 -6.00 5.70 -22.40
CA ASP A 116 -4.62 5.36 -22.80
C ASP A 116 -4.64 5.10 -24.30
N GLY A 117 -5.81 4.75 -24.84
CA GLY A 117 -5.94 4.48 -26.26
C GLY A 117 -5.35 3.14 -26.71
N ASP A 118 -5.31 2.97 -28.04
CA ASP A 118 -4.80 1.80 -28.70
C ASP A 118 -3.43 1.98 -29.36
N HIS A 119 -2.93 3.20 -29.63
CA HIS A 119 -1.65 3.42 -30.38
C HIS A 119 -1.12 4.79 -29.96
N GLU A 120 0.05 5.23 -30.46
CA GLU A 120 0.88 6.33 -29.84
C GLU A 120 0.35 7.81 -29.69
N GLY A 121 -0.75 8.18 -30.34
CA GLY A 121 -1.43 9.43 -29.97
C GLY A 121 -2.94 9.28 -30.01
N ASP A 122 -3.46 8.08 -29.77
CA ASP A 122 -4.92 7.80 -29.80
C ASP A 122 -5.68 8.39 -28.59
N GLY A 123 -5.23 8.12 -27.35
CA GLY A 123 -6.22 8.18 -26.25
C GLY A 123 -6.71 9.55 -25.78
N GLY A 124 -7.51 9.54 -24.69
CA GLY A 124 -7.94 10.75 -23.95
C GLY A 124 -6.81 11.65 -23.53
N ILE A 125 -5.72 11.06 -23.09
CA ILE A 125 -4.67 11.85 -22.57
C ILE A 125 -4.09 12.78 -23.64
N GLU A 126 -4.07 12.33 -24.93
CA GLU A 126 -3.33 13.09 -25.97
C GLU A 126 -3.89 14.51 -26.19
N ARG A 127 -5.21 14.66 -26.13
CA ARG A 127 -5.81 15.97 -26.25
C ARG A 127 -5.20 16.93 -25.27
N TRP A 128 -5.01 16.49 -23.98
CA TRP A 128 -4.45 17.43 -22.96
C TRP A 128 -3.05 17.68 -23.40
N LEU A 129 -2.30 16.65 -23.84
CA LEU A 129 -0.88 16.98 -24.28
C LEU A 129 -0.92 17.99 -25.46
N LYS A 130 -1.80 17.77 -26.44
CA LYS A 130 -1.93 18.72 -27.55
C LYS A 130 -2.47 20.15 -27.20
N LEU A 131 -3.35 20.25 -26.21
CA LEU A 131 -3.76 21.57 -25.72
C LEU A 131 -2.58 22.30 -25.11
N ALA A 132 -1.77 21.56 -24.37
CA ALA A 132 -0.56 22.15 -23.71
C ALA A 132 0.42 22.59 -24.76
N GLU A 133 0.77 21.69 -25.68
CA GLU A 133 1.65 22.08 -26.78
C GLU A 133 1.03 23.21 -27.61
N GLY A 134 -0.27 23.12 -27.87
CA GLY A 134 -1.03 24.20 -28.48
C GLY A 134 -0.93 25.61 -27.91
N VAL A 135 -0.80 25.74 -26.61
CA VAL A 135 -0.53 27.10 -26.02
C VAL A 135 0.98 27.41 -25.83
N GLY A 136 1.83 26.54 -26.42
CA GLY A 136 3.24 26.83 -26.53
C GLY A 136 4.23 26.03 -25.70
N PHE A 137 3.78 25.15 -24.83
CA PHE A 137 4.71 24.28 -24.10
C PHE A 137 5.43 23.23 -25.01
N THR A 138 6.64 22.94 -24.62
CA THR A 138 7.30 21.72 -25.17
C THR A 138 6.61 20.49 -24.60
N ARG A 139 6.52 19.49 -25.44
CA ARG A 139 6.10 18.15 -25.00
C ARG A 139 6.88 17.69 -23.72
N ASP A 140 8.20 17.77 -23.74
CA ASP A 140 9.01 17.23 -22.66
C ASP A 140 8.60 17.86 -21.34
N TYR A 141 8.46 19.18 -21.37
CA TYR A 141 8.26 19.97 -20.16
C TYR A 141 6.90 19.60 -19.55
N VAL A 142 5.93 19.28 -20.39
CA VAL A 142 4.65 19.04 -19.91
C VAL A 142 4.66 17.69 -19.28
N LEU A 143 5.23 16.75 -20.04
CA LEU A 143 5.38 15.34 -19.59
C LEU A 143 6.19 15.30 -18.29
N SER A 144 7.21 16.12 -18.18
CA SER A 144 8.01 16.20 -16.94
C SER A 144 7.15 16.44 -15.69
N THR A 145 6.12 17.25 -15.77
CA THR A 145 5.34 17.70 -14.61
C THR A 145 6.11 18.61 -13.76
N LYS A 146 7.31 19.02 -14.17
CA LYS A 146 8.14 19.78 -13.24
C LYS A 146 7.48 21.12 -12.86
N GLY A 147 6.59 21.64 -13.67
CA GLY A 147 6.08 23.00 -13.34
C GLY A 147 4.68 23.07 -12.68
N ILE A 148 4.15 21.93 -12.33
CA ILE A 148 2.75 21.87 -11.76
C ILE A 148 2.79 22.35 -10.30
N LEU A 149 1.67 22.86 -9.80
CA LEU A 149 1.55 23.28 -8.44
C LEU A 149 1.52 22.03 -7.58
N SER A 150 2.25 22.10 -6.50
CA SER A 150 2.29 21.04 -5.55
C SER A 150 0.85 20.70 -5.13
N ALA A 151 0.00 21.73 -5.01
CA ALA A 151 -1.40 21.45 -4.66
C ALA A 151 -2.08 20.57 -5.75
N THR A 152 -1.63 20.71 -7.00
CA THR A 152 -2.18 19.85 -8.06
C THR A 152 -1.70 18.40 -7.79
N ARG A 153 -0.39 18.24 -7.53
CA ARG A 153 0.23 16.93 -7.38
C ARG A 153 -0.40 16.16 -6.27
N PHE A 154 -0.62 16.83 -5.18
CA PHE A 154 -1.02 16.25 -3.92
C PHE A 154 -2.50 15.89 -4.01
N SER A 155 -3.27 16.73 -4.59
CA SER A 155 -4.71 16.49 -4.70
C SER A 155 -4.95 15.32 -5.61
N VAL A 156 -4.21 15.29 -6.73
CA VAL A 156 -4.40 14.16 -7.73
C VAL A 156 -3.89 12.85 -7.18
N ASP A 157 -2.78 12.93 -6.46
CA ASP A 157 -2.26 11.79 -5.80
C ASP A 157 -3.11 11.23 -4.62
N ALA A 158 -3.77 12.11 -3.87
CA ALA A 158 -4.67 11.69 -2.86
C ALA A 158 -5.85 10.92 -3.52
N TYR A 159 -6.28 11.43 -4.68
CA TYR A 159 -7.31 10.64 -5.42
C TYR A 159 -6.88 9.21 -5.71
N VAL A 160 -5.67 9.00 -6.28
CA VAL A 160 -5.22 7.61 -6.53
C VAL A 160 -5.16 6.76 -5.28
N HIS A 161 -4.58 7.37 -4.22
CA HIS A 161 -4.51 6.69 -2.99
C HIS A 161 -5.95 6.32 -2.39
N PHE A 162 -6.87 7.24 -2.49
CA PHE A 162 -8.27 7.03 -1.99
C PHE A 162 -8.85 5.80 -2.65
N VAL A 163 -8.73 5.71 -3.96
CA VAL A 163 -9.26 4.54 -4.69
C VAL A 163 -8.53 3.29 -4.33
N SER A 164 -7.25 3.39 -3.97
CA SER A 164 -6.54 2.15 -3.58
C SER A 164 -6.85 1.65 -2.24
N GLU A 165 -7.28 2.51 -1.33
CA GLU A 165 -7.13 2.30 0.14
C GLU A 165 -8.46 2.28 0.86
N ARG A 166 -9.48 2.90 0.34
CA ARG A 166 -10.80 2.90 1.03
C ARG A 166 -11.60 1.69 0.58
N SER A 167 -12.87 1.56 0.95
CA SER A 167 -13.62 0.42 0.52
C SER A 167 -13.79 0.55 -0.97
N LEU A 168 -14.21 -0.58 -1.50
CA LEU A 168 -14.48 -0.67 -2.89
C LEU A 168 -15.63 0.20 -3.28
N LEU A 169 -16.63 0.30 -2.39
CA LEU A 169 -17.78 1.11 -2.59
C LEU A 169 -17.42 2.58 -2.66
N GLU A 170 -16.54 3.04 -1.82
CA GLU A 170 -16.09 4.43 -1.94
C GLU A 170 -15.26 4.72 -3.17
N ALA A 171 -14.44 3.77 -3.50
CA ALA A 171 -13.67 3.89 -4.75
C ALA A 171 -14.53 4.07 -6.00
N ILE A 172 -15.49 3.22 -6.15
CA ILE A 172 -16.44 3.36 -7.25
C ILE A 172 -17.30 4.63 -7.14
N ALA A 173 -17.75 4.95 -5.89
CA ALA A 173 -18.53 6.17 -5.73
C ALA A 173 -17.76 7.48 -6.12
N SER A 174 -16.43 7.49 -5.92
CA SER A 174 -15.60 8.62 -6.32
C SER A 174 -15.53 8.82 -7.86
N SER A 175 -15.96 7.87 -8.71
CA SER A 175 -16.28 8.18 -10.15
C SER A 175 -17.65 8.81 -10.60
N LEU A 176 -18.55 8.98 -9.71
CA LEU A 176 -19.86 9.60 -9.94
C LEU A 176 -19.90 11.08 -10.25
N THR A 177 -18.75 11.73 -10.43
CA THR A 177 -18.76 13.16 -10.93
C THR A 177 -19.13 13.11 -12.38
N GLU A 178 -18.99 11.87 -12.94
CA GLU A 178 -19.39 11.47 -14.31
C GLU A 178 -20.87 11.79 -14.52
N MET A 179 -21.70 11.60 -13.48
CA MET A 179 -23.12 12.03 -13.53
C MET A 179 -23.26 13.52 -13.85
N PHE A 180 -22.25 14.36 -13.71
CA PHE A 180 -22.44 15.79 -14.09
C PHE A 180 -21.66 16.23 -15.31
N SER A 181 -20.96 15.31 -16.00
CA SER A 181 -20.06 15.73 -17.13
C SER A 181 -20.83 16.42 -18.33
N ARG A 188 -18.77 22.09 -22.41
CA ARG A 188 -17.60 21.20 -22.50
C ARG A 188 -16.34 22.00 -22.86
N VAL A 189 -15.20 21.34 -22.75
CA VAL A 189 -13.90 22.03 -22.82
C VAL A 189 -13.80 22.57 -24.27
N ALA A 190 -14.15 21.76 -25.25
CA ALA A 190 -14.23 22.19 -26.64
C ALA A 190 -14.77 23.60 -26.79
N GLY A 191 -15.99 23.83 -26.30
CA GLY A 191 -16.65 25.15 -26.41
C GLY A 191 -15.98 26.28 -25.61
N MET A 192 -15.49 25.96 -24.40
CA MET A 192 -14.75 26.94 -23.56
C MET A 192 -13.54 27.54 -24.28
N LEU A 193 -12.73 26.65 -24.79
CA LEU A 193 -11.53 26.98 -25.56
C LEU A 193 -11.77 27.87 -26.81
N LYS A 194 -12.98 27.76 -27.38
CA LYS A 194 -13.33 28.58 -28.51
C LYS A 194 -13.41 30.10 -28.22
N ASN A 195 -13.58 30.52 -26.95
CA ASN A 195 -13.60 31.98 -26.60
C ASN A 195 -12.24 32.58 -26.70
N TYR A 196 -11.18 31.75 -26.92
CA TYR A 196 -9.82 32.23 -26.88
C TYR A 196 -9.15 32.15 -28.24
N ASP A 197 -8.79 33.31 -28.79
CA ASP A 197 -8.17 33.52 -30.14
C ASP A 197 -6.93 32.69 -30.39
N PHE A 198 -6.13 32.47 -29.35
CA PHE A 198 -4.80 31.89 -29.49
C PHE A 198 -4.85 30.39 -29.49
N ILE A 199 -6.02 29.83 -29.26
CA ILE A 199 -6.17 28.40 -29.33
C ILE A 199 -6.50 28.16 -30.84
N THR A 200 -5.68 27.35 -31.54
CA THR A 200 -5.75 27.17 -33.00
C THR A 200 -6.81 26.12 -33.26
N LYS A 201 -7.39 26.21 -34.43
CA LYS A 201 -8.27 25.19 -34.96
C LYS A 201 -7.65 23.80 -34.83
N ASP A 202 -6.31 23.70 -35.01
CA ASP A 202 -5.52 22.44 -34.82
C ASP A 202 -5.78 21.86 -33.40
N THR A 203 -5.50 22.68 -32.39
CA THR A 203 -5.65 22.27 -30.97
C THR A 203 -7.13 21.87 -30.69
N LEU A 204 -8.09 22.67 -31.19
CA LEU A 204 -9.55 22.45 -30.91
C LEU A 204 -10.14 21.11 -31.39
N ALA A 205 -9.64 20.61 -32.53
CA ALA A 205 -10.07 19.33 -33.09
C ALA A 205 -9.83 18.16 -32.15
N TYR A 206 -8.69 18.17 -31.43
CA TYR A 206 -8.40 17.06 -30.46
C TYR A 206 -9.47 17.00 -29.38
N PHE A 207 -10.29 18.03 -29.23
CA PHE A 207 -11.38 18.04 -28.24
C PHE A 207 -12.80 17.73 -28.73
N ASP A 219 -25.54 3.97 -15.83
CA ASP A 219 -24.13 3.70 -15.81
C ASP A 219 -23.87 2.76 -14.57
N PHE A 220 -22.84 1.98 -14.74
CA PHE A 220 -22.46 0.98 -13.80
C PHE A 220 -22.22 1.51 -12.36
N ALA A 221 -21.52 2.61 -12.23
CA ALA A 221 -21.04 3.04 -10.90
C ALA A 221 -22.22 3.39 -9.99
N LEU A 222 -23.24 4.04 -10.60
CA LEU A 222 -24.39 4.53 -9.83
C LEU A 222 -25.19 3.32 -9.37
N ASP A 223 -25.34 2.39 -10.26
CA ASP A 223 -25.98 1.15 -9.92
C ASP A 223 -25.31 0.33 -8.91
N TYR A 224 -23.99 0.24 -9.01
CA TYR A 224 -23.23 -0.43 -8.03
C TYR A 224 -23.47 0.23 -6.60
N VAL A 225 -23.41 1.53 -6.56
CA VAL A 225 -23.53 2.23 -5.30
C VAL A 225 -24.90 1.95 -4.68
N LYS A 226 -25.92 2.06 -5.51
CA LYS A 226 -27.31 1.82 -5.08
C LYS A 226 -27.54 0.37 -4.57
N ARG A 227 -26.97 -0.56 -5.24
CA ARG A 227 -27.10 -1.91 -4.81
C ARG A 227 -26.31 -2.22 -3.51
N HIS A 228 -25.11 -1.68 -3.35
CA HIS A 228 -24.22 -2.14 -2.22
C HIS A 228 -24.20 -1.23 -1.03
N ALA A 229 -24.76 -0.03 -1.14
CA ALA A 229 -24.74 0.85 0.05
C ALA A 229 -26.01 0.56 0.81
N THR A 230 -26.01 -0.55 1.52
CA THR A 230 -27.21 -1.07 2.18
C THR A 230 -27.34 -0.71 3.69
N THR A 231 -26.41 0.05 4.29
CA THR A 231 -26.68 0.65 5.59
C THR A 231 -26.45 2.13 5.50
N PRO A 232 -26.93 2.86 6.50
CA PRO A 232 -26.70 4.30 6.42
C PRO A 232 -25.21 4.71 6.39
N GLU A 233 -24.33 4.00 7.12
CA GLU A 233 -22.86 4.26 7.16
C GLU A 233 -22.28 4.18 5.75
N MET A 234 -22.80 3.18 5.01
CA MET A 234 -22.28 2.95 3.61
C MET A 234 -22.78 4.02 2.70
N GLN A 235 -24.04 4.39 2.80
CA GLN A 235 -24.54 5.52 2.08
C GLN A 235 -23.78 6.82 2.27
N ARG A 236 -23.56 7.15 3.56
CA ARG A 236 -22.66 8.26 3.99
C ARG A 236 -21.28 8.11 3.40
N ALA A 237 -20.65 6.95 3.47
CA ALA A 237 -19.31 6.71 2.86
C ALA A 237 -19.38 7.02 1.38
N ALA A 238 -20.47 6.60 0.71
CA ALA A 238 -20.58 6.88 -0.72
C ALA A 238 -20.72 8.36 -1.04
N ILE A 239 -21.62 9.07 -0.30
CA ILE A 239 -21.79 10.49 -0.48
C ILE A 239 -20.43 11.29 -0.17
N ASP A 240 -19.70 10.85 0.88
CA ASP A 240 -18.45 11.51 1.31
C ASP A 240 -17.36 11.17 0.18
N ALA A 241 -17.56 10.07 -0.58
CA ALA A 241 -16.58 9.73 -1.67
C ALA A 241 -16.75 10.62 -2.81
N LEU A 242 -17.96 10.85 -3.13
CA LEU A 242 -18.26 11.84 -4.13
C LEU A 242 -17.76 13.20 -3.74
N THR A 243 -18.13 13.58 -2.58
CA THR A 243 -17.68 14.80 -2.03
C THR A 243 -16.11 14.95 -2.01
N PHE A 244 -15.44 13.95 -1.50
CA PHE A 244 -14.02 13.87 -1.73
C PHE A 244 -13.55 14.07 -3.19
N LYS A 245 -14.21 13.41 -4.19
CA LYS A 245 -13.79 13.64 -5.55
C LYS A 245 -14.06 15.13 -6.01
N CYS A 246 -15.18 15.72 -5.60
CA CYS A 246 -15.39 17.16 -5.86
C CYS A 246 -14.27 18.02 -5.12
N ASN A 247 -13.86 17.62 -3.92
CA ASN A 247 -12.76 18.38 -3.22
C ASN A 247 -11.41 18.29 -3.98
N VAL A 248 -11.11 17.15 -4.59
CA VAL A 248 -9.88 17.01 -5.43
C VAL A 248 -9.87 18.02 -6.57
N LEU A 249 -10.99 18.15 -7.24
CA LEU A 249 -11.10 19.05 -8.36
C LEU A 249 -11.15 20.48 -7.92
N TRP A 250 -11.97 20.72 -6.94
CA TRP A 250 -12.09 22.10 -6.35
C TRP A 250 -10.68 22.70 -5.86
N THR A 251 -9.93 21.85 -5.24
CA THR A 251 -8.67 22.28 -4.74
C THR A 251 -7.61 22.58 -5.77
N GLN A 252 -7.61 21.90 -6.91
N GLN A 252 -7.60 21.89 -6.91
CA GLN A 252 -6.66 22.19 -7.95
CA GLN A 252 -6.67 22.16 -7.96
C GLN A 252 -6.95 23.60 -8.50
C GLN A 252 -6.94 23.59 -8.49
N LEU A 253 -8.22 23.92 -8.51
CA LEU A 253 -8.67 25.21 -9.07
C LEU A 253 -8.40 26.35 -8.06
N ASP A 254 -8.67 26.12 -6.79
CA ASP A 254 -8.25 27.08 -5.72
C ASP A 254 -6.75 27.48 -5.97
N ALA A 255 -5.88 26.48 -6.12
CA ALA A 255 -4.42 26.70 -6.30
C ALA A 255 -4.04 27.45 -7.52
N LEU A 256 -4.69 27.14 -8.65
CA LEU A 256 -4.54 27.89 -9.84
C LEU A 256 -5.04 29.31 -9.75
N TYR A 257 -6.15 29.52 -9.00
CA TYR A 257 -6.64 30.83 -8.78
C TYR A 257 -5.66 31.67 -7.99
N PHE A 258 -5.27 31.13 -6.87
CA PHE A 258 -4.26 31.81 -5.93
C PHE A 258 -2.95 32.20 -6.62
N ALA A 259 -2.42 31.28 -7.38
CA ALA A 259 -1.16 31.40 -7.99
C ALA A 259 -1.11 32.26 -9.18
N TYR A 260 -2.14 32.17 -10.03
CA TYR A 260 -2.12 32.78 -11.35
C TYR A 260 -3.19 33.83 -11.60
N VAL A 261 -4.19 33.99 -10.72
CA VAL A 261 -5.12 35.06 -10.85
C VAL A 261 -5.15 36.06 -9.74
N ALA A 262 -5.43 35.65 -8.53
CA ALA A 262 -5.21 36.54 -7.37
C ALA A 262 -5.14 35.90 -6.03
N PRO A 263 -4.25 36.39 -5.15
CA PRO A 263 -3.38 37.52 -5.39
C PRO A 263 -2.26 37.24 -6.37
N GLY A 264 -2.04 36.04 -6.89
CA GLY A 264 -1.04 35.75 -7.97
C GLY A 264 0.29 35.49 -7.26
N MET A 265 0.36 34.61 -6.26
CA MET A 265 1.60 34.30 -5.58
C MET A 265 1.95 32.93 -6.07
N VAL A 266 2.88 32.80 -7.00
CA VAL A 266 3.30 31.52 -7.53
C VAL A 266 4.22 30.82 -6.52
N PRO A 267 3.91 29.59 -6.08
CA PRO A 267 4.85 29.00 -5.15
C PRO A 267 6.22 28.61 -5.79
N PRO A 268 7.23 28.41 -4.95
CA PRO A 268 8.63 28.26 -5.39
C PRO A 268 9.03 27.60 -6.75
N ASP A 269 8.67 26.37 -7.06
CA ASP A 269 9.16 25.83 -8.41
C ASP A 269 8.11 25.72 -9.55
N ALA A 270 6.91 26.19 -9.28
CA ALA A 270 5.78 26.14 -10.15
C ALA A 270 6.05 26.98 -11.40
N TRP A 271 5.41 26.64 -12.51
CA TRP A 271 5.59 27.33 -13.76
C TRP A 271 5.36 28.81 -13.65
N GLN A 272 6.19 29.53 -14.37
CA GLN A 272 6.14 31.05 -14.41
C GLN A 272 6.10 31.45 -15.84
N PRO A 273 5.40 32.54 -16.17
CA PRO A 273 5.44 33.02 -17.56
C PRO A 273 6.79 32.87 -18.28
N GLY A 274 6.77 32.26 -19.46
CA GLY A 274 8.01 32.17 -20.27
C GLY A 274 8.79 30.86 -20.18
N GLU A 275 8.56 30.03 -19.11
CA GLU A 275 9.28 28.77 -18.91
C GLU A 275 8.63 27.61 -19.67
N GLY A 276 9.45 26.69 -20.21
CA GLY A 276 8.97 25.47 -20.86
C GLY A 276 8.24 25.60 -22.20
N LEU A 277 8.50 26.76 -22.79
CA LEU A 277 7.94 27.28 -23.98
C LEU A 277 9.11 27.33 -25.02
N ARG B 35 30.79 -5.26 -10.65
CA ARG B 35 30.83 -5.24 -12.18
C ARG B 35 29.41 -5.23 -12.81
N LEU B 36 29.09 -4.26 -13.63
CA LEU B 36 27.93 -4.28 -14.49
C LEU B 36 27.96 -5.33 -15.67
N LEU B 37 26.97 -6.20 -15.70
CA LEU B 37 26.84 -7.21 -16.76
C LEU B 37 26.36 -6.58 -18.04
N SER B 38 26.89 -7.02 -19.19
CA SER B 38 26.32 -6.62 -20.44
C SER B 38 24.91 -7.19 -20.56
N HIS B 39 24.21 -6.72 -21.59
CA HIS B 39 22.82 -7.23 -21.83
C HIS B 39 22.86 -8.71 -22.09
N GLU B 40 23.85 -9.16 -22.82
CA GLU B 40 24.03 -10.61 -23.08
C GLU B 40 24.34 -11.39 -21.79
N GLU B 41 25.19 -10.89 -20.94
CA GLU B 41 25.54 -11.59 -19.66
C GLU B 41 24.39 -11.52 -18.63
N LEU B 42 23.66 -10.44 -18.61
CA LEU B 42 22.42 -10.36 -17.72
C LEU B 42 21.39 -11.42 -18.17
N GLU B 43 21.11 -11.49 -19.47
CA GLU B 43 20.15 -12.46 -20.01
C GLU B 43 20.65 -13.88 -19.68
N ALA B 44 21.94 -14.16 -19.98
CA ALA B 44 22.46 -15.43 -19.44
C ALA B 44 22.21 -15.69 -17.94
N ALA B 45 22.49 -14.74 -17.07
CA ALA B 45 22.36 -14.99 -15.66
C ALA B 45 20.85 -15.29 -15.39
N LEU B 46 19.98 -14.64 -16.13
CA LEU B 46 18.49 -14.78 -15.87
C LEU B 46 18.03 -16.13 -16.36
N ARG B 47 18.54 -16.58 -17.53
CA ARG B 47 18.22 -17.91 -18.04
C ARG B 47 18.79 -18.99 -17.12
N ASP B 48 19.97 -18.81 -16.56
CA ASP B 48 20.45 -19.72 -15.56
C ASP B 48 19.50 -19.88 -14.35
N ILE B 49 18.86 -18.84 -13.91
CA ILE B 49 17.80 -18.98 -12.82
C ILE B 49 16.75 -20.00 -13.23
N GLY B 50 16.21 -19.85 -14.43
CA GLY B 50 15.23 -20.79 -15.12
C GLY B 50 15.70 -22.22 -15.20
N ALA B 51 16.94 -22.41 -15.64
CA ALA B 51 17.58 -23.66 -15.66
C ALA B 51 17.75 -24.39 -14.31
N ARG B 52 17.99 -23.68 -13.18
CA ARG B 52 18.21 -24.29 -11.92
C ARG B 52 16.94 -24.26 -11.04
N ARG B 53 16.07 -23.31 -11.24
CA ARG B 53 14.87 -23.11 -10.26
C ARG B 53 13.50 -23.18 -10.85
N TYR B 54 13.35 -23.20 -12.18
CA TYR B 54 11.99 -23.22 -12.74
C TYR B 54 11.25 -24.50 -12.36
N HIS B 55 9.91 -24.34 -12.22
CA HIS B 55 9.06 -25.37 -11.63
C HIS B 55 8.91 -26.65 -12.32
N ASN B 56 9.37 -26.72 -13.55
CA ASN B 56 9.40 -27.98 -14.24
C ASN B 56 10.38 -28.93 -13.61
N LEU B 57 11.32 -28.43 -12.77
CA LEU B 57 12.24 -29.34 -12.05
C LEU B 57 11.66 -29.93 -10.76
N HIS B 58 10.52 -29.36 -10.32
CA HIS B 58 9.94 -29.77 -9.06
C HIS B 58 9.42 -31.26 -9.20
N PRO B 59 9.67 -32.06 -8.17
CA PRO B 59 9.16 -33.43 -8.14
C PRO B 59 7.63 -33.56 -8.39
N PHE B 60 6.82 -32.57 -7.92
CA PHE B 60 5.42 -32.66 -8.19
C PHE B 60 5.17 -32.61 -9.67
N HIS B 61 5.84 -31.68 -10.30
CA HIS B 61 5.64 -31.40 -11.71
C HIS B 61 6.27 -32.52 -12.52
N ARG B 62 7.33 -33.13 -12.00
CA ARG B 62 7.79 -34.34 -12.69
C ARG B 62 6.72 -35.50 -12.69
N LEU B 63 6.00 -35.70 -11.60
CA LEU B 63 4.95 -36.72 -11.49
C LEU B 63 3.81 -36.39 -12.46
N LEU B 64 3.38 -35.10 -12.42
CA LEU B 64 2.40 -34.56 -13.32
C LEU B 64 2.83 -34.89 -14.84
N HIS B 65 4.03 -34.45 -15.24
CA HIS B 65 4.48 -34.58 -16.58
C HIS B 65 4.51 -36.03 -17.03
N ASP B 66 4.90 -36.93 -16.12
CA ASP B 66 5.11 -38.32 -16.43
C ASP B 66 3.83 -39.14 -16.30
N GLY B 67 2.69 -38.49 -16.09
CA GLY B 67 1.44 -39.28 -15.98
C GLY B 67 1.41 -40.14 -14.73
N LYS B 68 2.10 -39.77 -13.65
CA LYS B 68 2.11 -40.62 -12.44
C LYS B 68 1.09 -40.20 -11.35
N LEU B 69 0.51 -39.02 -11.44
CA LEU B 69 -0.42 -38.55 -10.37
C LEU B 69 -1.70 -39.33 -10.44
N SER B 70 -2.32 -39.49 -9.29
CA SER B 70 -3.60 -40.05 -9.18
C SER B 70 -4.62 -38.95 -9.56
N LYS B 71 -5.88 -39.34 -9.77
CA LYS B 71 -6.94 -38.40 -10.09
C LYS B 71 -7.11 -37.34 -9.01
N ASP B 72 -7.09 -37.75 -7.77
CA ASP B 72 -7.17 -36.79 -6.65
C ASP B 72 -5.98 -35.78 -6.55
N GLN B 73 -4.80 -36.26 -6.84
CA GLN B 73 -3.67 -35.38 -6.96
C GLN B 73 -3.89 -34.38 -8.03
N VAL B 74 -4.47 -34.81 -9.17
CA VAL B 74 -4.69 -33.91 -10.27
C VAL B 74 -5.76 -32.93 -9.91
N ARG B 75 -6.79 -33.41 -9.25
CA ARG B 75 -7.81 -32.48 -8.80
C ARG B 75 -7.26 -31.35 -7.88
N ALA B 76 -6.43 -31.74 -6.95
CA ALA B 76 -5.79 -30.77 -5.99
C ALA B 76 -4.96 -29.72 -6.65
N TRP B 77 -4.16 -30.22 -7.61
CA TRP B 77 -3.32 -29.38 -8.43
C TRP B 77 -4.21 -28.35 -9.12
N ALA B 78 -5.23 -28.84 -9.80
CA ALA B 78 -6.09 -28.07 -10.64
C ALA B 78 -6.87 -27.00 -9.83
N LEU B 79 -7.33 -27.44 -8.69
CA LEU B 79 -8.03 -26.52 -7.77
C LEU B 79 -7.12 -25.37 -7.26
N ASN B 80 -5.84 -25.69 -7.01
CA ASN B 80 -4.91 -24.74 -6.49
C ASN B 80 -4.39 -23.81 -7.56
N ARG B 81 -4.12 -24.43 -8.72
CA ARG B 81 -3.63 -23.73 -9.87
C ARG B 81 -4.61 -22.70 -10.36
N TYR B 82 -5.87 -22.96 -10.19
CA TYR B 82 -6.91 -22.01 -10.47
C TYR B 82 -6.70 -20.68 -9.80
N TYR B 83 -6.40 -20.68 -8.48
CA TYR B 83 -6.13 -19.49 -7.73
C TYR B 83 -4.97 -18.69 -8.32
N TYR B 84 -3.86 -19.35 -8.56
CA TYR B 84 -2.76 -18.68 -9.19
C TYR B 84 -3.23 -17.98 -10.49
N GLN B 85 -3.90 -18.74 -11.36
CA GLN B 85 -4.26 -18.24 -12.66
C GLN B 85 -5.23 -17.11 -12.53
N ALA B 86 -6.24 -17.24 -11.63
CA ALA B 86 -7.19 -16.20 -11.37
C ALA B 86 -6.57 -14.89 -10.86
N MET B 87 -5.40 -14.99 -10.18
CA MET B 87 -4.82 -13.80 -9.61
C MET B 87 -3.80 -13.14 -10.52
N ILE B 88 -3.33 -13.81 -11.58
CA ILE B 88 -2.44 -13.13 -12.52
C ILE B 88 -2.96 -11.73 -13.01
N PRO B 89 -4.24 -11.57 -13.39
CA PRO B 89 -4.66 -10.21 -13.77
C PRO B 89 -4.79 -9.28 -12.63
N VAL B 90 -4.92 -9.78 -11.41
CA VAL B 90 -4.86 -8.90 -10.34
C VAL B 90 -3.45 -8.32 -10.17
N LYS B 91 -2.50 -9.21 -10.23
CA LYS B 91 -1.11 -8.86 -10.28
C LYS B 91 -0.75 -7.91 -11.43
N ASP B 92 -1.27 -8.18 -12.60
CA ASP B 92 -1.03 -7.34 -13.71
C ASP B 92 -1.67 -6.00 -13.64
N ALA B 93 -2.86 -5.91 -13.06
CA ALA B 93 -3.47 -4.62 -12.81
C ALA B 93 -2.64 -3.79 -11.82
N ALA B 94 -2.14 -4.40 -10.77
CA ALA B 94 -1.29 -3.68 -9.79
C ALA B 94 -0.08 -3.17 -10.53
N LEU B 95 0.49 -4.00 -11.45
CA LEU B 95 1.62 -3.54 -12.17
C LEU B 95 1.29 -2.42 -13.13
N LEU B 96 0.17 -2.52 -13.83
CA LEU B 96 -0.25 -1.52 -14.77
C LEU B 96 -0.34 -0.12 -14.11
N ALA B 97 -0.81 -0.07 -12.86
CA ALA B 97 -0.94 1.16 -12.15
C ALA B 97 0.42 1.83 -11.83
N ARG B 98 1.52 1.11 -11.96
CA ARG B 98 2.84 1.72 -11.67
C ARG B 98 3.54 2.13 -12.89
N LEU B 99 3.03 1.81 -14.08
CA LEU B 99 3.80 2.15 -15.29
C LEU B 99 3.68 3.65 -15.58
N PRO B 100 4.79 4.32 -15.88
CA PRO B 100 4.84 5.81 -15.95
C PRO B 100 4.23 6.46 -17.15
N ASP B 101 3.90 5.75 -18.23
CA ASP B 101 3.28 6.42 -19.39
C ASP B 101 2.42 5.45 -20.09
N ALA B 102 1.61 6.03 -20.92
CA ALA B 102 0.61 5.38 -21.66
C ALA B 102 1.19 4.33 -22.65
N GLN B 103 2.40 4.55 -23.22
CA GLN B 103 3.01 3.59 -24.17
C GLN B 103 3.12 2.24 -23.47
N LEU B 104 3.68 2.30 -22.27
CA LEU B 104 3.92 1.09 -21.46
C LEU B 104 2.69 0.47 -20.99
N ARG B 105 1.76 1.32 -20.52
CA ARG B 105 0.45 0.81 -20.06
C ARG B 105 -0.28 0.12 -21.24
N ARG B 106 -0.16 0.61 -22.47
CA ARG B 106 -0.76 -0.08 -23.67
C ARG B 106 -0.17 -1.47 -23.89
N ILE B 107 1.11 -1.57 -23.78
CA ILE B 107 1.70 -2.87 -23.86
C ILE B 107 1.22 -3.80 -22.74
N TRP B 108 1.39 -3.38 -21.48
CA TRP B 108 1.09 -4.25 -20.33
C TRP B 108 -0.36 -4.69 -20.27
N ARG B 109 -1.22 -3.75 -20.61
CA ARG B 109 -2.70 -4.04 -20.50
C ARG B 109 -3.23 -5.23 -21.40
N GLN B 110 -2.47 -5.58 -22.44
CA GLN B 110 -2.82 -6.70 -23.27
C GLN B 110 -2.85 -8.02 -22.45
N ARG B 111 -2.08 -8.09 -21.38
CA ARG B 111 -2.07 -9.30 -20.52
C ARG B 111 -3.44 -9.42 -19.81
N ILE B 112 -3.96 -8.31 -19.42
CA ILE B 112 -5.20 -8.35 -18.65
C ILE B 112 -6.31 -8.74 -19.61
N VAL B 113 -6.30 -8.13 -20.77
CA VAL B 113 -7.23 -8.49 -21.90
C VAL B 113 -7.15 -10.01 -22.23
N ASP B 114 -5.97 -10.55 -22.37
CA ASP B 114 -5.86 -12.00 -22.66
C ASP B 114 -6.39 -12.89 -21.58
N HIS B 115 -6.11 -12.58 -20.33
CA HIS B 115 -6.52 -13.41 -19.21
C HIS B 115 -8.01 -13.28 -18.90
N ASP B 116 -8.59 -12.09 -18.93
CA ASP B 116 -10.01 -11.94 -18.66
C ASP B 116 -10.82 -12.04 -19.94
N GLY B 117 -10.28 -11.73 -21.11
CA GLY B 117 -11.06 -11.82 -22.34
C GLY B 117 -12.07 -10.69 -22.47
N ASP B 118 -12.94 -10.80 -23.47
CA ASP B 118 -14.02 -9.84 -23.80
C ASP B 118 -15.42 -10.12 -23.23
N HIS B 119 -15.71 -11.30 -22.73
CA HIS B 119 -17.06 -11.58 -22.16
C HIS B 119 -16.84 -12.83 -21.41
N GLU B 120 -17.74 -13.21 -20.53
CA GLU B 120 -17.50 -14.38 -19.69
C GLU B 120 -17.35 -15.68 -20.48
N GLY B 121 -16.35 -16.46 -20.11
CA GLY B 121 -16.04 -17.70 -20.78
C GLY B 121 -15.04 -17.46 -21.89
N ASP B 122 -14.60 -16.23 -22.03
CA ASP B 122 -13.56 -15.92 -22.93
C ASP B 122 -12.37 -15.76 -21.98
N GLY B 123 -11.18 -15.71 -22.55
CA GLY B 123 -10.02 -15.29 -21.79
C GLY B 123 -9.29 -16.48 -21.31
N GLY B 124 -8.02 -16.27 -20.95
CA GLY B 124 -7.14 -17.31 -20.53
C GLY B 124 -7.51 -18.07 -19.30
N ILE B 125 -8.18 -17.43 -18.33
CA ILE B 125 -8.75 -18.08 -17.15
C ILE B 125 -9.68 -19.31 -17.45
N GLU B 126 -10.38 -19.38 -18.61
CA GLU B 126 -11.42 -20.38 -18.75
C GLU B 126 -10.85 -21.74 -18.76
N ARG B 127 -9.67 -21.91 -19.40
CA ARG B 127 -9.14 -23.23 -19.54
C ARG B 127 -9.05 -23.87 -18.18
N TRP B 128 -8.69 -23.03 -17.21
CA TRP B 128 -8.46 -23.49 -15.87
C TRP B 128 -9.72 -23.86 -15.18
N LEU B 129 -10.78 -23.11 -15.43
CA LEU B 129 -12.11 -23.51 -14.84
C LEU B 129 -12.68 -24.77 -15.42
N LYS B 130 -12.60 -24.87 -16.76
CA LYS B 130 -12.94 -26.05 -17.50
C LYS B 130 -12.12 -27.30 -17.04
N LEU B 131 -10.84 -27.17 -16.84
CA LEU B 131 -10.04 -28.30 -16.32
C LEU B 131 -10.59 -28.78 -14.96
N ALA B 132 -10.89 -27.81 -14.12
CA ALA B 132 -11.30 -28.13 -12.79
C ALA B 132 -12.69 -28.80 -12.93
N GLU B 133 -13.60 -28.14 -13.63
CA GLU B 133 -14.90 -28.79 -14.03
C GLU B 133 -14.62 -30.14 -14.69
N GLY B 134 -13.60 -30.20 -15.52
CA GLY B 134 -13.30 -31.46 -16.19
C GLY B 134 -12.86 -32.61 -15.32
N VAL B 135 -12.36 -32.36 -14.13
CA VAL B 135 -12.11 -33.42 -13.20
C VAL B 135 -13.18 -33.53 -12.15
N GLY B 136 -14.32 -32.90 -12.36
CA GLY B 136 -15.47 -33.16 -11.52
C GLY B 136 -15.87 -32.15 -10.48
N PHE B 137 -15.17 -31.02 -10.37
CA PHE B 137 -15.55 -30.02 -9.35
C PHE B 137 -16.72 -29.24 -9.87
N THR B 138 -17.56 -28.73 -8.95
CA THR B 138 -18.47 -27.68 -9.34
C THR B 138 -17.71 -26.42 -9.54
N ARG B 139 -18.23 -25.68 -10.48
CA ARG B 139 -17.71 -24.40 -10.78
C ARG B 139 -17.71 -23.45 -9.60
N ASP B 140 -18.84 -23.35 -8.90
CA ASP B 140 -18.93 -22.47 -7.72
C ASP B 140 -17.85 -22.81 -6.69
N TYR B 141 -17.58 -24.10 -6.48
CA TYR B 141 -16.56 -24.52 -5.47
C TYR B 141 -15.18 -23.97 -5.83
N VAL B 142 -14.80 -24.10 -7.06
CA VAL B 142 -13.49 -23.70 -7.57
C VAL B 142 -13.42 -22.19 -7.43
N LEU B 143 -14.49 -21.52 -7.90
CA LEU B 143 -14.61 -20.07 -7.79
C LEU B 143 -14.50 -19.49 -6.37
N SER B 144 -15.05 -20.19 -5.36
CA SER B 144 -14.98 -19.79 -3.97
C SER B 144 -13.59 -19.77 -3.43
N THR B 145 -12.72 -20.67 -3.97
CA THR B 145 -11.35 -20.82 -3.44
C THR B 145 -11.29 -21.37 -2.00
N LYS B 146 -12.42 -21.84 -1.44
CA LYS B 146 -12.50 -22.35 -0.11
C LYS B 146 -11.64 -23.57 0.08
N GLY B 147 -11.33 -24.35 -0.93
CA GLY B 147 -10.52 -25.52 -0.57
C GLY B 147 -9.06 -25.46 -0.92
N ILE B 148 -8.53 -24.28 -1.25
CA ILE B 148 -7.14 -24.19 -1.70
C ILE B 148 -6.29 -24.25 -0.49
N LEU B 149 -5.04 -24.70 -0.65
CA LEU B 149 -4.09 -24.68 0.48
C LEU B 149 -3.75 -23.23 0.85
N SER B 150 -3.64 -22.96 2.16
CA SER B 150 -3.16 -21.67 2.65
C SER B 150 -1.83 -21.33 1.99
N ALA B 151 -0.98 -22.32 1.84
CA ALA B 151 0.33 -22.03 1.20
C ALA B 151 0.15 -21.50 -0.20
N THR B 152 -0.88 -21.95 -0.94
CA THR B 152 -1.13 -21.39 -2.19
C THR B 152 -1.61 -20.01 -2.08
N ARG B 153 -2.60 -19.78 -1.22
CA ARG B 153 -3.06 -18.44 -1.11
C ARG B 153 -1.90 -17.47 -0.73
N PHE B 154 -1.10 -17.85 0.23
CA PHE B 154 -0.07 -16.96 0.76
C PHE B 154 1.07 -16.67 -0.29
N SER B 155 1.37 -17.69 -1.05
CA SER B 155 2.46 -17.59 -2.13
C SER B 155 2.01 -16.67 -3.20
N VAL B 156 0.78 -16.89 -3.67
CA VAL B 156 0.19 -16.10 -4.70
C VAL B 156 0.04 -14.70 -4.30
N ASP B 157 -0.50 -14.48 -3.15
CA ASP B 157 -0.65 -13.09 -2.61
C ASP B 157 0.67 -12.40 -2.34
N ALA B 158 1.65 -13.17 -1.89
CA ALA B 158 3.04 -12.55 -1.85
C ALA B 158 3.47 -11.98 -3.21
N TYR B 159 3.20 -12.71 -4.33
CA TYR B 159 3.53 -12.28 -5.66
C TYR B 159 2.80 -10.99 -5.98
N VAL B 160 1.50 -10.91 -5.67
CA VAL B 160 0.79 -9.64 -5.84
C VAL B 160 1.41 -8.46 -5.10
N HIS B 161 1.82 -8.71 -3.85
CA HIS B 161 2.32 -7.65 -3.04
C HIS B 161 3.76 -7.24 -3.53
N PHE B 162 4.56 -8.25 -3.84
CA PHE B 162 5.90 -7.99 -4.44
C PHE B 162 5.81 -6.95 -5.61
N VAL B 163 4.98 -7.22 -6.64
CA VAL B 163 4.71 -6.37 -7.77
C VAL B 163 4.23 -5.02 -7.41
N SER B 164 3.42 -4.90 -6.32
CA SER B 164 2.94 -3.60 -5.84
C SER B 164 3.97 -2.85 -5.13
N GLU B 165 4.86 -3.51 -4.45
CA GLU B 165 5.70 -2.84 -3.40
C GLU B 165 7.20 -2.75 -3.65
N ARG B 166 7.73 -3.51 -4.58
CA ARG B 166 9.17 -3.41 -4.90
C ARG B 166 9.42 -2.36 -5.97
N SER B 167 10.62 -2.29 -6.53
CA SER B 167 10.88 -1.32 -7.59
C SER B 167 10.08 -1.86 -8.75
N LEU B 168 9.73 -0.98 -9.66
CA LEU B 168 9.06 -1.35 -10.89
C LEU B 168 10.00 -2.29 -11.66
N LEU B 169 11.30 -2.07 -11.61
CA LEU B 169 12.25 -2.92 -12.29
C LEU B 169 12.06 -4.42 -11.83
N GLU B 170 11.99 -4.62 -10.54
CA GLU B 170 11.81 -5.97 -9.94
C GLU B 170 10.46 -6.56 -10.30
N ALA B 171 9.44 -5.68 -10.30
CA ALA B 171 8.14 -6.10 -10.67
C ALA B 171 8.07 -6.65 -12.10
N ILE B 172 8.65 -5.94 -13.06
CA ILE B 172 8.70 -6.46 -14.44
C ILE B 172 9.59 -7.74 -14.52
N ALA B 173 10.69 -7.76 -13.82
CA ALA B 173 11.59 -8.94 -13.85
C ALA B 173 10.96 -10.20 -13.31
N SER B 174 10.02 -10.05 -12.32
CA SER B 174 9.28 -11.23 -11.85
C SER B 174 8.36 -11.90 -12.95
N SER B 175 8.07 -11.23 -14.04
CA SER B 175 7.33 -11.85 -15.17
C SER B 175 8.20 -12.66 -16.15
N LEU B 176 9.51 -12.74 -15.89
CA LEU B 176 10.46 -13.35 -16.86
C LEU B 176 10.48 -14.87 -16.84
N THR B 177 9.70 -15.50 -15.95
CA THR B 177 9.38 -16.91 -16.14
C THR B 177 8.79 -17.21 -17.47
N GLU B 178 8.28 -16.20 -18.15
CA GLU B 178 7.74 -16.40 -19.44
C GLU B 178 8.86 -16.71 -20.40
N MET B 179 10.11 -16.36 -20.12
CA MET B 179 11.19 -16.87 -20.95
C MET B 179 11.28 -18.40 -20.91
N PHE B 180 10.78 -19.10 -19.91
CA PHE B 180 10.93 -20.59 -19.82
C PHE B 180 9.68 -21.39 -20.19
N SER B 181 8.68 -20.72 -20.72
CA SER B 181 7.40 -21.41 -21.19
C SER B 181 7.72 -22.44 -22.17
N PRO B 182 7.20 -23.63 -21.96
CA PRO B 182 7.57 -24.62 -22.95
C PRO B 182 6.96 -24.29 -24.33
N GLY B 191 -0.21 -31.17 -23.15
CA GLY B 191 0.52 -32.40 -23.42
C GLY B 191 0.63 -33.29 -22.20
N MET B 192 0.93 -32.68 -21.09
CA MET B 192 0.88 -33.37 -19.84
C MET B 192 -0.51 -33.97 -19.55
N LEU B 193 -1.56 -33.21 -19.75
CA LEU B 193 -2.90 -33.63 -19.42
C LEU B 193 -3.31 -34.82 -20.25
N LYS B 194 -2.78 -34.93 -21.50
CA LYS B 194 -3.02 -36.08 -22.40
C LYS B 194 -2.63 -37.40 -21.72
N ASN B 195 -1.77 -37.42 -20.68
CA ASN B 195 -1.45 -38.72 -20.04
C ASN B 195 -2.48 -39.27 -19.06
N TYR B 196 -3.53 -38.53 -18.78
CA TYR B 196 -4.44 -38.86 -17.76
C TYR B 196 -5.69 -39.28 -18.54
N ASP B 197 -5.98 -40.57 -18.52
CA ASP B 197 -7.12 -41.13 -19.30
C ASP B 197 -8.46 -40.48 -18.90
N PHE B 198 -8.61 -40.00 -17.61
CA PHE B 198 -9.82 -39.23 -17.17
C PHE B 198 -10.03 -37.76 -17.69
N ILE B 199 -9.08 -37.28 -18.48
CA ILE B 199 -9.17 -35.93 -19.11
C ILE B 199 -9.59 -36.08 -20.57
N THR B 200 -10.72 -35.46 -20.91
CA THR B 200 -11.39 -35.77 -22.16
C THR B 200 -10.84 -34.81 -23.22
N LYS B 201 -11.20 -35.17 -24.46
CA LYS B 201 -10.85 -34.36 -25.59
C LYS B 201 -11.55 -33.03 -25.48
N ASP B 202 -12.79 -32.95 -24.99
CA ASP B 202 -13.49 -31.65 -24.80
C ASP B 202 -12.67 -30.65 -23.93
N THR B 203 -12.24 -31.16 -22.77
CA THR B 203 -11.49 -30.29 -21.83
C THR B 203 -10.07 -29.94 -22.35
N LEU B 204 -9.40 -30.93 -22.94
CA LEU B 204 -8.13 -30.73 -23.71
C LEU B 204 -8.30 -29.71 -24.82
N ALA B 205 -9.46 -29.62 -25.41
CA ALA B 205 -9.70 -28.61 -26.44
C ALA B 205 -9.45 -27.17 -25.88
N TYR B 206 -9.69 -26.91 -24.60
CA TYR B 206 -9.53 -25.56 -24.06
C TYR B 206 -8.08 -25.18 -23.96
N PHE B 207 -7.21 -26.17 -23.83
CA PHE B 207 -5.78 -25.91 -23.81
C PHE B 207 -5.10 -26.03 -25.20
N ASP B 208 -5.71 -26.71 -26.19
CA ASP B 208 -5.20 -26.68 -27.55
C ASP B 208 -5.49 -25.29 -28.13
N LYS B 209 -6.70 -24.78 -27.85
CA LYS B 209 -7.15 -23.48 -28.36
C LYS B 209 -6.04 -22.44 -28.40
N ALA B 218 7.64 -12.58 -23.45
CA ALA B 218 8.78 -12.28 -22.57
C ALA B 218 9.72 -11.14 -23.08
N ASP B 219 9.54 -10.67 -24.34
CA ASP B 219 10.60 -9.78 -24.99
C ASP B 219 10.53 -8.34 -24.55
N PHE B 220 9.30 -7.80 -24.36
CA PHE B 220 9.18 -6.49 -23.70
C PHE B 220 9.91 -6.48 -22.33
N ALA B 221 9.65 -7.50 -21.49
CA ALA B 221 10.04 -7.48 -20.12
C ALA B 221 11.57 -7.61 -20.05
N LEU B 222 12.08 -8.54 -20.80
CA LEU B 222 13.58 -8.75 -20.88
C LEU B 222 14.22 -7.46 -21.32
N ASP B 223 13.66 -6.91 -22.42
CA ASP B 223 14.17 -5.66 -22.95
C ASP B 223 14.12 -4.55 -21.91
N TYR B 224 13.00 -4.46 -21.15
CA TYR B 224 12.88 -3.43 -20.22
C TYR B 224 14.00 -3.56 -19.13
N VAL B 225 14.14 -4.77 -18.62
CA VAL B 225 15.03 -5.06 -17.56
C VAL B 225 16.50 -4.77 -18.02
N LYS B 226 16.87 -5.21 -19.23
CA LYS B 226 18.29 -4.91 -19.71
C LYS B 226 18.50 -3.41 -19.75
N ARG B 227 17.48 -2.67 -20.22
CA ARG B 227 17.71 -1.23 -20.38
C ARG B 227 17.69 -0.49 -19.10
N HIS B 228 16.87 -0.95 -18.16
CA HIS B 228 16.69 -0.20 -16.92
C HIS B 228 17.59 -0.61 -15.76
N ALA B 229 18.27 -1.76 -15.81
CA ALA B 229 19.01 -2.15 -14.67
C ALA B 229 20.42 -1.52 -14.91
N THR B 230 20.62 -0.30 -14.46
CA THR B 230 21.74 0.45 -14.90
C THR B 230 22.85 0.39 -13.89
N THR B 231 22.70 -0.36 -12.81
CA THR B 231 23.78 -0.54 -11.79
C THR B 231 23.79 -2.05 -11.39
N PRO B 232 24.95 -2.52 -10.87
CA PRO B 232 25.07 -3.92 -10.41
C PRO B 232 24.00 -4.24 -9.38
N GLU B 233 23.70 -3.30 -8.52
CA GLU B 233 22.65 -3.41 -7.51
C GLU B 233 21.30 -3.68 -8.17
N MET B 234 21.01 -2.94 -9.22
CA MET B 234 19.77 -3.17 -9.88
C MET B 234 19.75 -4.50 -10.65
N GLN B 235 20.89 -4.87 -11.23
CA GLN B 235 20.93 -6.14 -11.95
C GLN B 235 20.68 -7.28 -10.99
N ARG B 236 21.28 -7.16 -9.83
CA ARG B 236 21.07 -8.17 -8.77
C ARG B 236 19.60 -8.24 -8.29
N ALA B 237 18.99 -7.11 -8.06
CA ALA B 237 17.57 -7.02 -7.74
C ALA B 237 16.72 -7.73 -8.81
N ALA B 238 17.06 -7.47 -10.08
CA ALA B 238 16.37 -8.12 -11.22
C ALA B 238 16.52 -9.62 -11.14
N ILE B 239 17.73 -10.07 -10.91
CA ILE B 239 17.98 -11.55 -10.80
C ILE B 239 17.24 -12.20 -9.61
N ASP B 240 17.21 -11.47 -8.56
CA ASP B 240 16.52 -11.93 -7.32
C ASP B 240 15.06 -11.84 -7.50
N ALA B 241 14.55 -10.92 -8.30
CA ALA B 241 13.09 -10.90 -8.55
C ALA B 241 12.63 -12.11 -9.30
N LEU B 242 13.47 -12.60 -10.27
CA LEU B 242 13.15 -13.80 -10.98
C LEU B 242 13.27 -15.06 -10.10
N THR B 243 14.16 -15.01 -9.10
CA THR B 243 14.31 -16.04 -8.10
C THR B 243 13.07 -16.12 -7.21
N PHE B 244 12.57 -14.95 -6.93
CA PHE B 244 11.39 -14.81 -6.01
C PHE B 244 10.19 -15.45 -6.76
N LYS B 245 9.97 -15.05 -8.00
CA LYS B 245 8.93 -15.71 -8.83
C LYS B 245 9.12 -17.24 -8.83
N CYS B 246 10.33 -17.77 -9.08
CA CYS B 246 10.53 -19.17 -8.96
C CYS B 246 10.13 -19.80 -7.65
N ASN B 247 10.43 -19.11 -6.56
CA ASN B 247 10.09 -19.55 -5.26
C ASN B 247 8.57 -19.54 -5.02
N VAL B 248 7.87 -18.55 -5.57
CA VAL B 248 6.43 -18.52 -5.44
C VAL B 248 5.86 -19.79 -6.13
N LEU B 249 6.39 -20.12 -7.35
CA LEU B 249 5.92 -21.32 -7.99
C LEU B 249 6.32 -22.59 -7.26
N TRP B 250 7.53 -22.59 -6.69
CA TRP B 250 8.12 -23.81 -6.18
C TRP B 250 7.29 -24.13 -4.89
N THR B 251 7.00 -23.14 -4.12
CA THR B 251 6.25 -23.32 -2.89
C THR B 251 4.83 -23.78 -3.05
N GLN B 252 4.14 -23.38 -4.09
CA GLN B 252 2.81 -23.98 -4.42
C GLN B 252 2.92 -25.48 -4.58
N LEU B 253 3.96 -25.91 -5.28
CA LEU B 253 4.19 -27.27 -5.47
C LEU B 253 4.64 -28.14 -4.34
N ASP B 254 5.49 -27.58 -3.46
CA ASP B 254 5.90 -28.18 -2.27
C ASP B 254 4.61 -28.55 -1.51
N ALA B 255 3.79 -27.53 -1.36
CA ALA B 255 2.54 -27.69 -0.52
C ALA B 255 1.59 -28.76 -1.11
N LEU B 256 1.44 -28.77 -2.44
CA LEU B 256 0.67 -29.79 -3.03
C LEU B 256 1.31 -31.21 -2.73
N TYR B 257 2.65 -31.30 -2.82
CA TYR B 257 3.29 -32.59 -2.72
C TYR B 257 3.03 -33.05 -1.26
N PHE B 258 3.34 -32.17 -0.33
CA PHE B 258 3.29 -32.51 1.02
C PHE B 258 1.86 -32.93 1.44
N ALA B 259 0.88 -32.17 0.97
CA ALA B 259 -0.53 -32.47 1.30
C ALA B 259 -1.13 -33.70 0.66
N TYR B 260 -0.88 -33.94 -0.64
CA TYR B 260 -1.65 -34.88 -1.41
C TYR B 260 -0.83 -36.05 -1.90
N VAL B 261 0.54 -35.97 -1.90
CA VAL B 261 1.38 -37.10 -2.33
C VAL B 261 2.14 -37.75 -1.20
N ALA B 262 3.09 -37.08 -0.51
CA ALA B 262 3.72 -37.69 0.63
C ALA B 262 4.20 -36.60 1.55
N PRO B 263 3.94 -36.70 2.85
CA PRO B 263 3.34 -37.86 3.49
C PRO B 263 1.80 -37.78 3.34
N GLY B 264 1.23 -36.76 2.68
CA GLY B 264 -0.21 -36.79 2.44
C GLY B 264 -0.91 -36.24 3.66
N MET B 265 -0.41 -35.18 4.29
CA MET B 265 -1.04 -34.53 5.44
C MET B 265 -1.91 -33.33 4.97
N VAL B 266 -3.18 -33.41 4.96
CA VAL B 266 -3.90 -32.25 4.40
C VAL B 266 -4.19 -31.31 5.49
N PRO B 267 -3.92 -30.02 5.30
CA PRO B 267 -4.15 -29.13 6.42
C PRO B 267 -5.63 -28.86 6.58
N PRO B 268 -6.02 -28.35 7.73
CA PRO B 268 -7.46 -28.11 8.02
C PRO B 268 -7.97 -27.08 7.05
N ASP B 269 -9.21 -27.25 6.57
CA ASP B 269 -9.86 -26.28 5.63
C ASP B 269 -9.59 -26.70 4.17
N ALA B 270 -8.41 -27.24 3.90
CA ALA B 270 -8.08 -27.60 2.49
C ALA B 270 -8.93 -28.73 1.91
N TRP B 271 -9.05 -28.75 0.59
CA TRP B 271 -9.82 -29.78 -0.07
C TRP B 271 -9.41 -31.25 0.34
N GLN B 272 -10.43 -32.09 0.54
CA GLN B 272 -10.31 -33.51 0.79
C GLN B 272 -11.00 -34.25 -0.31
N PRO B 273 -10.51 -35.42 -0.71
CA PRO B 273 -11.27 -36.20 -1.66
C PRO B 273 -12.77 -36.31 -1.29
N GLY B 274 -13.62 -36.17 -2.29
CA GLY B 274 -15.08 -36.14 -2.05
C GLY B 274 -15.67 -34.75 -2.08
N GLU B 275 -14.94 -33.70 -1.67
CA GLU B 275 -15.62 -32.41 -1.48
C GLU B 275 -15.66 -31.64 -2.77
N GLY B 276 -16.75 -30.96 -2.99
CA GLY B 276 -16.87 -29.94 -4.01
C GLY B 276 -17.07 -30.50 -5.41
N LEU B 277 -17.42 -31.80 -5.47
CA LEU B 277 -17.53 -32.65 -6.69
C LEU B 277 -18.99 -32.93 -7.18
N VAL B 278 -19.18 -33.93 -8.07
CA VAL B 278 -20.44 -34.74 -8.22
C VAL B 278 -21.59 -33.87 -8.66
N ARG C 35 28.95 15.58 -9.08
CA ARG C 35 30.04 15.71 -7.97
C ARG C 35 29.51 15.21 -6.61
N LEU C 36 30.06 14.15 -5.97
CA LEU C 36 29.57 13.71 -4.63
C LEU C 36 29.89 14.86 -3.70
N LEU C 37 29.04 15.17 -2.72
CA LEU C 37 29.28 16.29 -1.78
C LEU C 37 29.81 15.63 -0.54
N SER C 38 30.78 16.29 0.08
CA SER C 38 31.29 15.84 1.38
C SER C 38 30.16 16.00 2.45
N HIS C 39 30.37 15.42 3.62
CA HIS C 39 29.40 15.55 4.72
C HIS C 39 29.06 17.03 5.05
N GLU C 40 30.05 17.93 5.06
CA GLU C 40 29.84 19.37 5.26
C GLU C 40 29.07 20.07 4.11
N GLU C 41 29.35 19.69 2.88
CA GLU C 41 28.74 20.29 1.72
C GLU C 41 27.28 19.86 1.65
N LEU C 42 26.98 18.61 1.93
CA LEU C 42 25.61 18.08 1.86
C LEU C 42 24.75 18.81 2.87
N GLU C 43 25.31 18.94 4.07
CA GLU C 43 24.65 19.67 5.15
C GLU C 43 24.35 21.12 4.71
N ALA C 44 25.34 21.76 4.14
CA ALA C 44 25.21 23.10 3.70
C ALA C 44 24.14 23.18 2.60
N ALA C 45 24.11 22.21 1.71
CA ALA C 45 23.07 22.19 0.67
C ALA C 45 21.63 22.03 1.26
N LEU C 46 21.50 21.05 2.13
CA LEU C 46 20.28 20.85 2.87
C LEU C 46 19.81 22.15 3.60
N ARG C 47 20.66 22.81 4.40
CA ARG C 47 20.27 23.99 5.17
C ARG C 47 19.85 25.08 4.23
N ASP C 48 20.46 25.11 3.04
CA ASP C 48 20.10 26.10 1.98
C ASP C 48 18.68 25.98 1.56
N ILE C 49 18.19 24.74 1.46
CA ILE C 49 16.77 24.54 1.04
C ILE C 49 15.89 25.25 2.08
N GLY C 50 16.18 25.06 3.35
CA GLY C 50 15.44 25.82 4.40
C GLY C 50 15.58 27.35 4.31
N ALA C 51 16.78 27.79 3.92
CA ALA C 51 17.08 29.19 3.75
C ALA C 51 16.08 29.82 2.79
N ARG C 52 15.86 29.11 1.69
CA ARG C 52 15.08 29.50 0.55
C ARG C 52 13.56 29.08 0.60
N ARG C 53 13.21 27.96 1.26
CA ARG C 53 11.87 27.30 1.00
C ARG C 53 11.08 26.96 2.28
N TYR C 54 11.71 27.08 3.46
CA TYR C 54 11.03 26.71 4.71
C TYR C 54 9.84 27.68 4.97
N HIS C 55 8.82 27.20 5.64
CA HIS C 55 7.55 27.94 5.69
C HIS C 55 7.55 29.22 6.52
N ASN C 56 8.65 29.52 7.26
CA ASN C 56 8.77 30.83 7.96
C ASN C 56 8.76 32.05 6.97
N LEU C 57 9.07 31.78 5.71
CA LEU C 57 9.09 32.79 4.69
C LEU C 57 7.76 32.99 3.98
N HIS C 58 6.78 32.15 4.26
CA HIS C 58 5.47 32.26 3.63
C HIS C 58 4.70 33.48 4.09
N PRO C 59 3.97 34.18 3.17
CA PRO C 59 3.31 35.42 3.72
C PRO C 59 2.25 35.15 4.79
N PHE C 60 1.66 33.95 4.85
CA PHE C 60 0.71 33.69 5.92
C PHE C 60 1.45 33.64 7.23
N HIS C 61 2.66 33.08 7.20
CA HIS C 61 3.47 32.91 8.40
C HIS C 61 3.92 34.24 8.88
N ARG C 62 4.28 35.08 7.91
CA ARG C 62 4.71 36.48 8.29
C ARG C 62 3.62 37.28 9.04
N LEU C 63 2.41 37.26 8.47
CA LEU C 63 1.23 37.81 9.11
C LEU C 63 0.98 37.27 10.49
N LEU C 64 1.07 35.95 10.66
CA LEU C 64 0.84 35.32 11.96
C LEU C 64 1.80 35.88 12.95
N HIS C 65 3.08 35.77 12.59
CA HIS C 65 4.26 36.24 13.41
C HIS C 65 4.22 37.73 13.75
N ASP C 66 3.60 38.56 12.92
CA ASP C 66 3.55 39.99 13.20
C ASP C 66 2.25 40.39 13.84
N GLY C 67 1.43 39.46 14.30
CA GLY C 67 0.16 39.82 14.89
C GLY C 67 -0.80 40.49 13.89
N LYS C 68 -0.60 40.27 12.58
CA LYS C 68 -1.44 40.92 11.58
C LYS C 68 -2.69 40.11 11.25
N LEU C 69 -2.85 38.88 11.74
CA LEU C 69 -4.04 38.05 11.44
C LEU C 69 -5.26 38.45 12.26
N SER C 70 -6.49 38.31 11.70
CA SER C 70 -7.76 38.44 12.48
C SER C 70 -7.99 37.21 13.29
N LYS C 71 -8.96 37.31 14.20
CA LYS C 71 -9.37 36.17 15.00
C LYS C 71 -9.76 34.97 14.14
N ASP C 72 -10.46 35.18 13.02
CA ASP C 72 -10.97 34.05 12.21
C ASP C 72 -9.82 33.40 11.45
N GLN C 73 -8.85 34.23 11.10
CA GLN C 73 -7.63 33.75 10.46
C GLN C 73 -6.81 32.84 11.38
N VAL C 74 -6.57 33.29 12.61
CA VAL C 74 -5.90 32.51 13.58
C VAL C 74 -6.68 31.24 13.88
N ARG C 75 -8.02 31.39 14.10
CA ARG C 75 -8.91 30.22 14.13
C ARG C 75 -8.70 29.13 12.98
N ALA C 76 -8.68 29.57 11.75
CA ALA C 76 -8.48 28.65 10.59
C ALA C 76 -7.12 27.98 10.62
N TRP C 77 -6.11 28.77 10.94
CA TRP C 77 -4.74 28.24 11.06
C TRP C 77 -4.70 27.11 12.16
N ALA C 78 -5.37 27.34 13.33
CA ALA C 78 -5.21 26.47 14.46
C ALA C 78 -5.92 25.23 14.14
N LEU C 79 -7.09 25.40 13.58
CA LEU C 79 -7.89 24.22 13.14
C LEU C 79 -7.10 23.31 12.19
N ASN C 80 -6.50 23.90 11.19
CA ASN C 80 -5.70 23.18 10.22
C ASN C 80 -4.39 22.58 10.74
N ARG C 81 -3.65 23.36 11.53
CA ARG C 81 -2.40 22.92 12.09
C ARG C 81 -2.65 21.78 13.07
N TYR C 82 -3.74 21.84 13.87
CA TYR C 82 -4.08 20.72 14.65
C TYR C 82 -4.10 19.41 13.82
N TYR C 83 -4.86 19.35 12.71
CA TYR C 83 -4.88 18.14 11.92
C TYR C 83 -3.44 17.68 11.47
N TYR C 84 -2.63 18.58 10.96
CA TYR C 84 -1.23 18.31 10.60
C TYR C 84 -0.50 17.63 11.70
N GLN C 85 -0.53 18.25 12.84
CA GLN C 85 0.13 17.73 14.00
C GLN C 85 -0.41 16.44 14.49
N ALA C 86 -1.74 16.27 14.52
CA ALA C 86 -2.33 14.96 14.83
C ALA C 86 -1.92 13.84 13.86
N MET C 87 -1.54 14.18 12.63
CA MET C 87 -1.21 13.16 11.60
C MET C 87 0.27 12.79 11.57
N ILE C 88 1.09 13.58 12.25
CA ILE C 88 2.57 13.29 12.42
C ILE C 88 2.89 11.90 13.01
N PRO C 89 2.17 11.53 14.06
CA PRO C 89 2.31 10.14 14.49
C PRO C 89 1.88 9.07 13.53
N VAL C 90 0.98 9.39 12.60
CA VAL C 90 0.57 8.40 11.67
C VAL C 90 1.71 8.35 10.63
N LYS C 91 2.23 9.50 10.21
CA LYS C 91 3.40 9.48 9.31
C LYS C 91 4.60 8.65 9.90
N ASP C 92 4.85 8.84 11.19
CA ASP C 92 5.98 8.18 11.84
C ASP C 92 5.77 6.71 12.03
N ALA C 93 4.51 6.32 12.26
CA ALA C 93 4.15 4.88 12.27
C ALA C 93 4.32 4.24 10.88
N ALA C 94 3.94 4.93 9.80
CA ALA C 94 4.07 4.37 8.45
C ALA C 94 5.62 4.25 8.20
N LEU C 95 6.42 5.19 8.65
CA LEU C 95 7.87 5.05 8.50
C LEU C 95 8.41 3.87 9.36
N LEU C 96 7.92 3.83 10.56
CA LEU C 96 8.34 2.86 11.48
C LEU C 96 8.07 1.49 10.95
N ALA C 97 6.96 1.25 10.22
CA ALA C 97 6.65 -0.09 9.81
C ALA C 97 7.53 -0.52 8.64
N ARG C 98 8.19 0.45 8.02
CA ARG C 98 9.16 0.24 6.90
C ARG C 98 10.61 0.10 7.36
N LEU C 99 10.93 0.12 8.65
CA LEU C 99 12.36 0.27 9.01
C LEU C 99 12.91 -1.14 8.99
N PRO C 100 14.22 -1.31 8.66
CA PRO C 100 14.65 -2.71 8.36
C PRO C 100 15.01 -3.48 9.57
N ASP C 101 15.17 -2.84 10.72
CA ASP C 101 15.66 -3.53 11.87
C ASP C 101 15.33 -2.82 13.15
N ALA C 102 15.59 -3.50 14.26
CA ALA C 102 15.20 -3.05 15.59
C ALA C 102 15.92 -1.82 16.08
N GLN C 103 17.20 -1.67 15.70
CA GLN C 103 18.00 -0.51 16.20
C GLN C 103 17.35 0.71 15.60
N LEU C 104 16.96 0.66 14.33
CA LEU C 104 16.32 1.84 13.78
C LEU C 104 14.90 2.10 14.30
N ARG C 105 14.16 1.01 14.56
CA ARG C 105 12.83 1.12 15.23
C ARG C 105 12.92 1.75 16.60
N ARG C 106 13.95 1.39 17.37
CA ARG C 106 14.20 1.97 18.70
C ARG C 106 14.40 3.45 18.71
N ILE C 107 15.11 3.97 17.75
CA ILE C 107 15.27 5.40 17.57
C ILE C 107 14.00 6.06 17.06
N TRP C 108 13.35 5.47 16.04
CA TRP C 108 12.24 6.18 15.41
C TRP C 108 11.00 6.24 16.31
N ARG C 109 10.73 5.17 17.06
CA ARG C 109 9.50 5.08 17.82
C ARG C 109 9.37 6.20 18.89
N GLN C 110 10.52 6.72 19.29
CA GLN C 110 10.55 7.78 20.28
C GLN C 110 9.76 9.00 19.85
N ARG C 111 9.69 9.20 18.54
CA ARG C 111 8.84 10.25 18.03
C ARG C 111 7.37 9.99 18.32
N ILE C 112 6.96 8.74 18.26
CA ILE C 112 5.59 8.43 18.41
C ILE C 112 5.22 8.57 19.90
N VAL C 113 6.08 8.07 20.76
CA VAL C 113 5.95 8.15 22.22
C VAL C 113 5.81 9.63 22.60
N ASP C 114 6.67 10.48 22.03
CA ASP C 114 6.63 11.92 22.36
C ASP C 114 5.35 12.63 21.89
N HIS C 115 4.80 12.29 20.69
CA HIS C 115 3.66 12.97 20.19
C HIS C 115 2.38 12.54 20.94
N ASP C 116 2.26 11.25 21.18
CA ASP C 116 1.10 10.71 21.80
C ASP C 116 1.16 10.82 23.30
N GLY C 117 2.34 10.72 23.91
CA GLY C 117 2.37 10.65 25.33
C GLY C 117 1.87 9.31 25.84
N ASP C 118 1.59 9.28 27.13
CA ASP C 118 1.21 8.06 27.85
C ASP C 118 -0.28 7.95 28.19
N HIS C 119 -1.07 9.00 28.00
CA HIS C 119 -2.48 9.00 28.32
C HIS C 119 -3.12 10.26 27.76
N GLU C 120 -4.46 10.35 27.81
CA GLU C 120 -5.22 11.40 27.17
C GLU C 120 -4.87 12.67 27.95
N GLY C 121 -4.51 13.72 27.23
CA GLY C 121 -3.99 14.98 27.77
C GLY C 121 -2.47 15.10 27.83
N ASP C 122 -1.74 13.99 27.67
CA ASP C 122 -0.32 14.00 27.60
C ASP C 122 0.12 14.08 26.10
N GLY C 123 1.39 14.26 25.84
CA GLY C 123 1.92 14.16 24.51
C GLY C 123 2.19 15.44 23.80
N GLY C 124 1.56 16.49 24.10
CA GLY C 124 2.09 17.43 23.04
C GLY C 124 1.53 17.51 21.61
N ILE C 125 0.78 16.53 21.18
CA ILE C 125 -0.32 16.85 20.31
C ILE C 125 -1.28 17.70 21.15
N GLU C 126 -1.23 17.63 22.50
CA GLU C 126 -2.30 18.23 23.33
C GLU C 126 -2.35 19.79 23.22
N ARG C 127 -1.20 20.39 23.14
CA ARG C 127 -1.14 21.83 23.01
C ARG C 127 -1.94 22.35 21.80
N TRP C 128 -1.86 21.59 20.69
CA TRP C 128 -2.54 22.01 19.48
C TRP C 128 -3.98 21.90 19.66
N LEU C 129 -4.42 20.88 20.33
CA LEU C 129 -5.85 20.86 20.71
C LEU C 129 -6.34 22.02 21.62
N LYS C 130 -5.50 22.30 22.64
CA LYS C 130 -5.77 23.40 23.61
C LYS C 130 -5.74 24.72 22.87
N LEU C 131 -4.79 24.91 21.94
CA LEU C 131 -4.82 26.17 21.09
C LEU C 131 -6.16 26.37 20.34
N ALA C 132 -6.57 25.32 19.62
CA ALA C 132 -7.89 25.33 18.95
C ALA C 132 -9.07 25.63 19.93
N GLU C 133 -9.16 24.85 20.99
CA GLU C 133 -10.04 25.24 22.10
C GLU C 133 -9.74 26.66 22.63
N GLY C 134 -8.50 27.09 22.70
CA GLY C 134 -8.19 28.46 23.07
C GLY C 134 -8.92 29.55 22.32
N VAL C 135 -9.30 29.31 21.04
CA VAL C 135 -9.92 30.36 20.20
C VAL C 135 -11.40 30.04 19.91
N GLY C 136 -11.90 29.02 20.56
CA GLY C 136 -13.34 28.93 20.76
C GLY C 136 -13.98 27.71 20.18
N PHE C 137 -13.21 26.85 19.56
CA PHE C 137 -13.81 25.66 18.95
C PHE C 137 -14.16 24.71 20.05
N THR C 138 -15.19 23.89 19.78
CA THR C 138 -15.53 22.72 20.64
C THR C 138 -14.50 21.60 20.42
N ARG C 139 -14.27 20.80 21.44
CA ARG C 139 -13.31 19.75 21.36
C ARG C 139 -13.71 18.81 20.26
N ASP C 140 -15.00 18.48 20.21
CA ASP C 140 -15.55 17.55 19.17
C ASP C 140 -15.32 18.03 17.73
N TYR C 141 -15.71 19.27 17.44
CA TYR C 141 -15.50 19.84 16.10
C TYR C 141 -13.96 19.70 15.70
N VAL C 142 -13.00 19.97 16.60
CA VAL C 142 -11.55 19.97 16.34
C VAL C 142 -11.18 18.56 16.10
N LEU C 143 -11.67 17.63 16.95
CA LEU C 143 -11.31 16.21 16.76
C LEU C 143 -11.96 15.59 15.48
N SER C 144 -13.13 16.08 15.09
CA SER C 144 -13.80 15.56 13.94
C SER C 144 -12.97 15.77 12.68
N THR C 145 -12.19 16.87 12.64
CA THR C 145 -11.48 17.30 11.42
C THR C 145 -12.40 17.82 10.38
N LYS C 146 -13.68 18.11 10.75
CA LYS C 146 -14.67 18.32 9.71
C LYS C 146 -14.49 19.62 8.88
N GLY C 147 -13.91 20.65 9.48
CA GLY C 147 -13.81 21.93 8.73
C GLY C 147 -12.40 22.27 8.22
N ILE C 148 -11.53 21.26 8.20
CA ILE C 148 -10.15 21.51 7.67
C ILE C 148 -10.14 21.73 6.13
N LEU C 149 -9.17 22.42 5.58
CA LEU C 149 -9.09 22.59 4.12
C LEU C 149 -8.73 21.28 3.54
N SER C 150 -9.35 20.91 2.41
CA SER C 150 -8.94 19.77 1.65
C SER C 150 -7.47 19.83 1.30
N ALA C 151 -6.95 21.01 0.89
CA ALA C 151 -5.47 21.12 0.76
C ALA C 151 -4.65 20.61 1.94
N THR C 152 -5.08 20.84 3.18
CA THR C 152 -4.30 20.34 4.27
C THR C 152 -4.45 18.86 4.40
N ARG C 153 -5.65 18.29 4.09
CA ARG C 153 -5.79 16.88 4.09
C ARG C 153 -4.87 16.26 3.04
N PHE C 154 -4.79 16.86 1.89
CA PHE C 154 -4.01 16.25 0.74
C PHE C 154 -2.54 16.36 0.97
N SER C 155 -2.12 17.50 1.47
CA SER C 155 -0.64 17.66 1.88
C SER C 155 -0.23 16.64 2.89
N VAL C 156 -1.03 16.33 3.93
CA VAL C 156 -0.73 15.22 4.83
C VAL C 156 -0.79 13.91 4.18
N ASP C 157 -1.80 13.65 3.33
CA ASP C 157 -1.81 12.40 2.56
C ASP C 157 -0.52 12.20 1.78
N ALA C 158 -0.08 13.24 1.11
CA ALA C 158 1.20 13.13 0.39
C ALA C 158 2.36 12.75 1.26
N TYR C 159 2.50 13.45 2.42
CA TYR C 159 3.55 13.19 3.33
C TYR C 159 3.56 11.78 3.88
N VAL C 160 2.41 11.35 4.36
CA VAL C 160 2.28 9.92 4.78
C VAL C 160 2.69 8.94 3.71
N HIS C 161 2.19 9.13 2.49
CA HIS C 161 2.54 8.23 1.38
C HIS C 161 3.97 8.27 0.97
N PHE C 162 4.49 9.47 0.89
CA PHE C 162 5.98 9.67 0.66
C PHE C 162 6.88 8.81 1.55
N VAL C 163 6.67 8.91 2.85
CA VAL C 163 7.47 8.08 3.76
C VAL C 163 7.22 6.62 3.67
N SER C 164 6.01 6.18 3.21
CA SER C 164 5.76 4.74 3.04
C SER C 164 6.25 4.16 1.71
N GLU C 165 6.34 4.96 0.66
CA GLU C 165 6.68 4.53 -0.68
C GLU C 165 8.04 4.84 -1.16
N ARG C 166 8.61 5.92 -0.72
CA ARG C 166 9.95 6.28 -1.24
C ARG C 166 11.04 5.45 -0.64
N SER C 167 12.25 5.65 -1.04
CA SER C 167 13.34 4.98 -0.42
C SER C 167 13.39 5.46 1.02
N LEU C 168 14.00 4.61 1.82
CA LEU C 168 14.18 4.90 3.21
C LEU C 168 15.09 6.16 3.42
N LEU C 169 16.20 6.28 2.68
CA LEU C 169 16.96 7.54 2.64
C LEU C 169 16.05 8.79 2.46
N GLU C 170 15.11 8.70 1.52
CA GLU C 170 14.16 9.81 1.27
C GLU C 170 13.21 10.12 2.43
N ALA C 171 12.74 9.07 3.09
CA ALA C 171 11.66 9.11 4.10
C ALA C 171 12.29 9.72 5.35
N ILE C 172 13.54 9.37 5.60
CA ILE C 172 14.27 9.98 6.71
C ILE C 172 14.64 11.44 6.42
N ALA C 173 15.16 11.69 5.20
CA ALA C 173 15.50 13.05 4.73
C ALA C 173 14.32 14.08 4.87
N SER C 174 13.09 13.62 4.66
CA SER C 174 11.91 14.44 4.76
C SER C 174 11.70 14.95 6.18
N SER C 175 12.27 14.31 7.20
CA SER C 175 12.24 14.83 8.58
C SER C 175 13.20 15.96 8.83
N LEU C 176 13.99 16.34 7.83
CA LEU C 176 15.05 17.29 8.08
C LEU C 176 14.62 18.75 8.29
N THR C 177 13.34 19.08 8.15
CA THR C 177 12.95 20.45 8.45
C THR C 177 13.26 20.69 9.93
N GLU C 178 13.47 19.62 10.69
CA GLU C 178 13.88 19.67 12.06
C GLU C 178 15.24 20.41 12.30
N MET C 179 16.10 20.62 11.28
CA MET C 179 17.28 21.45 11.48
C MET C 179 16.90 22.97 11.38
N PHE C 180 15.64 23.36 11.21
CA PHE C 180 15.19 24.81 11.16
C PHE C 180 14.23 25.05 12.37
N SER C 181 14.25 24.19 13.41
CA SER C 181 13.75 24.53 14.75
C SER C 181 13.09 25.90 14.94
N VAL C 189 8.93 31.43 17.89
CA VAL C 189 8.34 30.21 18.39
C VAL C 189 6.83 30.42 18.59
N ALA C 190 6.09 29.33 18.56
CA ALA C 190 4.63 29.37 18.77
C ALA C 190 4.25 30.33 19.94
N MET C 192 4.29 33.58 19.00
CA MET C 192 3.53 34.38 18.10
C MET C 192 2.21 34.63 18.84
N LEU C 193 1.80 33.72 19.68
CA LEU C 193 0.43 33.80 20.16
C LEU C 193 0.21 35.01 21.07
N LYS C 194 1.26 35.37 21.79
CA LYS C 194 1.17 36.34 22.86
C LYS C 194 0.79 37.69 22.27
N ASN C 195 1.06 37.86 20.98
CA ASN C 195 0.56 39.04 20.20
C ASN C 195 -0.96 39.19 19.99
N TYR C 196 -1.73 38.16 20.32
CA TYR C 196 -3.19 38.21 20.10
C TYR C 196 -4.01 38.15 21.44
N ASP C 197 -4.63 39.25 21.78
CA ASP C 197 -5.29 39.40 23.12
C ASP C 197 -6.46 38.42 23.37
N PHE C 198 -7.09 37.85 22.31
CA PHE C 198 -8.09 36.78 22.48
C PHE C 198 -7.47 35.42 22.82
N ILE C 199 -6.15 35.30 22.93
CA ILE C 199 -5.57 34.02 23.42
C ILE C 199 -5.25 34.08 24.92
N THR C 200 -5.84 33.20 25.71
CA THR C 200 -5.77 33.37 27.21
C THR C 200 -4.50 32.75 27.74
N LYS C 201 -3.94 33.30 28.85
CA LYS C 201 -2.67 32.78 29.38
C LYS C 201 -2.70 31.23 29.66
N ASP C 202 -3.90 30.65 29.90
CA ASP C 202 -4.06 29.18 30.07
C ASP C 202 -3.69 28.45 28.76
N THR C 203 -3.98 29.08 27.61
CA THR C 203 -3.48 28.49 26.31
C THR C 203 -1.97 28.63 26.24
N LEU C 204 -1.48 29.86 26.37
CA LEU C 204 -0.07 30.12 26.64
C LEU C 204 0.58 28.93 27.47
N ALA C 205 0.00 28.58 28.62
CA ALA C 205 0.47 27.46 29.49
C ALA C 205 0.84 26.16 28.78
N TYR C 206 0.11 25.74 27.72
CA TYR C 206 0.47 24.46 27.09
C TYR C 206 1.70 24.55 26.18
N PHE C 207 2.09 25.76 25.85
CA PHE C 207 3.34 26.01 25.13
C PHE C 207 4.47 26.44 26.13
N ASP C 208 4.39 26.05 27.41
CA ASP C 208 5.35 26.48 28.43
C ASP C 208 6.76 26.78 27.95
N ASP C 219 20.85 14.20 16.51
CA ASP C 219 21.29 14.50 15.15
C ASP C 219 21.15 13.28 14.23
N PHE C 220 20.24 12.39 14.61
CA PHE C 220 20.00 11.09 13.89
C PHE C 220 19.74 11.17 12.36
N ALA C 221 18.73 11.90 11.97
CA ALA C 221 18.31 11.89 10.55
C ALA C 221 19.44 12.47 9.70
N LEU C 222 20.08 13.56 10.20
CA LEU C 222 21.19 14.14 9.43
C LEU C 222 22.43 13.22 9.32
N ASP C 223 22.75 12.43 10.39
CA ASP C 223 23.88 11.45 10.38
C ASP C 223 23.45 10.32 9.52
N TYR C 224 22.16 9.98 9.51
CA TYR C 224 21.76 8.89 8.65
C TYR C 224 21.96 9.30 7.17
N VAL C 225 21.42 10.47 6.76
CA VAL C 225 21.46 10.90 5.39
C VAL C 225 22.95 11.02 4.94
N LYS C 226 23.81 11.68 5.73
CA LYS C 226 25.25 11.72 5.42
C LYS C 226 25.88 10.32 5.24
N ARG C 227 25.76 9.40 6.19
CA ARG C 227 26.38 8.10 6.01
C ARG C 227 25.74 7.35 4.79
N HIS C 228 24.44 7.51 4.50
CA HIS C 228 23.83 6.68 3.45
C HIS C 228 23.69 7.30 2.01
N ALA C 229 23.79 8.62 1.88
CA ALA C 229 23.73 9.23 0.57
C ALA C 229 25.18 9.01 0.06
N THR C 230 25.40 7.87 -0.60
CA THR C 230 26.72 7.33 -1.01
C THR C 230 27.02 7.61 -2.48
N THR C 231 26.03 7.93 -3.32
CA THR C 231 26.29 8.46 -4.72
C THR C 231 25.79 9.92 -4.93
N PRO C 232 26.10 10.55 -6.06
CA PRO C 232 25.43 11.83 -6.30
C PRO C 232 23.88 11.75 -6.39
N GLU C 233 23.33 10.64 -6.87
CA GLU C 233 21.93 10.49 -7.13
C GLU C 233 21.19 10.43 -5.78
N MET C 234 21.69 9.66 -4.83
CA MET C 234 21.11 9.60 -3.51
C MET C 234 21.18 10.95 -2.75
N GLN C 235 22.29 11.68 -2.92
CA GLN C 235 22.37 13.07 -2.40
C GLN C 235 21.24 13.95 -3.03
N ARG C 236 21.02 13.88 -4.36
CA ARG C 236 19.93 14.60 -5.04
C ARG C 236 18.58 14.19 -4.51
N ALA C 237 18.36 12.90 -4.33
CA ALA C 237 17.10 12.36 -3.79
C ALA C 237 16.80 12.93 -2.34
N ALA C 238 17.83 13.05 -1.53
CA ALA C 238 17.71 13.57 -0.16
C ALA C 238 17.37 15.06 -0.09
N ILE C 239 18.03 15.80 -0.95
CA ILE C 239 17.75 17.21 -1.15
C ILE C 239 16.30 17.41 -1.62
N ASP C 240 15.89 16.63 -2.62
CA ASP C 240 14.54 16.67 -3.12
C ASP C 240 13.52 16.25 -2.09
N ALA C 241 13.85 15.28 -1.24
CA ALA C 241 12.91 14.91 -0.19
C ALA C 241 12.61 16.07 0.79
N LEU C 242 13.65 16.82 1.13
CA LEU C 242 13.48 17.97 1.98
C LEU C 242 12.70 19.07 1.25
N THR C 243 12.93 19.18 -0.05
CA THR C 243 12.16 20.13 -0.86
C THR C 243 10.75 19.69 -0.87
N PHE C 244 10.50 18.40 -1.02
CA PHE C 244 9.08 17.91 -0.98
C PHE C 244 8.44 18.29 0.38
N LYS C 245 9.13 18.04 1.47
CA LYS C 245 8.64 18.44 2.79
C LYS C 245 8.31 19.93 2.92
N CYS C 246 9.20 20.80 2.46
CA CYS C 246 8.93 22.16 2.36
C CYS C 246 7.67 22.46 1.55
N ASN C 247 7.46 21.71 0.48
CA ASN C 247 6.24 21.86 -0.31
C ASN C 247 4.96 21.46 0.42
N VAL C 248 5.02 20.38 1.23
CA VAL C 248 3.92 19.94 2.01
C VAL C 248 3.54 21.13 2.95
N LEU C 249 4.51 21.78 3.57
CA LEU C 249 4.24 22.91 4.53
C LEU C 249 3.74 24.20 3.79
N TRP C 250 4.32 24.46 2.63
CA TRP C 250 4.02 25.68 1.90
C TRP C 250 2.57 25.57 1.30
N THR C 251 2.17 24.39 0.94
CA THR C 251 0.85 24.26 0.31
C THR C 251 -0.28 24.47 1.31
N GLN C 252 -0.05 24.15 2.58
CA GLN C 252 -1.09 24.35 3.63
C GLN C 252 -1.25 25.82 3.80
N LEU C 253 -0.14 26.52 3.78
CA LEU C 253 -0.20 27.94 3.95
C LEU C 253 -0.77 28.68 2.79
N ASP C 254 -0.42 28.30 1.60
CA ASP C 254 -1.14 28.78 0.46
C ASP C 254 -2.66 28.71 0.57
N ALA C 255 -3.14 27.54 0.99
CA ALA C 255 -4.58 27.34 1.10
C ALA C 255 -5.21 28.26 2.16
N LEU C 256 -4.59 28.32 3.36
CA LEU C 256 -4.99 29.23 4.37
C LEU C 256 -5.03 30.66 3.90
N TYR C 257 -3.98 31.14 3.25
CA TYR C 257 -4.03 32.53 2.73
C TYR C 257 -5.25 32.74 1.72
N PHE C 258 -5.28 31.87 0.71
CA PHE C 258 -6.32 31.87 -0.28
C PHE C 258 -7.70 31.90 0.34
N ALA C 259 -7.99 30.97 1.21
CA ALA C 259 -9.32 30.83 1.80
C ALA C 259 -9.72 31.91 2.74
N TYR C 260 -8.79 32.41 3.58
CA TYR C 260 -9.16 33.26 4.72
C TYR C 260 -8.55 34.65 4.70
N VAL C 261 -7.54 34.88 3.84
CA VAL C 261 -6.96 36.18 3.69
C VAL C 261 -7.20 36.87 2.35
N ALA C 262 -6.65 36.44 1.22
CA ALA C 262 -7.03 36.94 -0.08
C ALA C 262 -6.87 35.86 -1.10
N PRO C 263 -7.86 35.72 -1.94
CA PRO C 263 -9.03 36.59 -2.06
C PRO C 263 -10.11 36.21 -1.05
N GLY C 264 -9.88 35.25 -0.16
CA GLY C 264 -10.84 34.88 0.83
C GLY C 264 -11.99 34.07 0.26
N MET C 265 -11.75 33.13 -0.69
CA MET C 265 -12.78 32.21 -1.19
C MET C 265 -12.71 30.87 -0.42
N VAL C 266 -13.48 30.79 0.65
CA VAL C 266 -13.55 29.60 1.46
C VAL C 266 -14.11 28.41 0.71
N PRO C 267 -13.43 27.28 0.65
CA PRO C 267 -13.98 26.15 -0.11
C PRO C 267 -15.19 25.54 0.60
N PRO C 268 -16.06 24.89 -0.14
CA PRO C 268 -17.32 24.59 0.52
C PRO C 268 -17.25 23.67 1.77
N ASP C 269 -16.37 22.68 1.90
CA ASP C 269 -16.40 21.87 3.22
C ASP C 269 -15.67 22.54 4.39
N ALA C 270 -14.98 23.62 4.07
CA ALA C 270 -14.09 24.18 4.97
C ALA C 270 -14.87 25.01 6.02
N TRP C 271 -14.24 25.17 7.17
CA TRP C 271 -14.78 25.97 8.28
C TRP C 271 -15.10 27.40 7.82
N GLN C 272 -16.30 27.86 8.14
CA GLN C 272 -16.58 29.30 8.09
C GLN C 272 -16.85 29.86 9.44
N PRO C 273 -16.50 31.14 9.62
CA PRO C 273 -16.60 31.86 10.86
C PRO C 273 -17.94 31.61 11.58
N GLY C 274 -17.89 31.41 12.88
CA GLY C 274 -19.11 31.02 13.59
C GLY C 274 -19.31 29.51 13.82
N GLU C 275 -18.99 28.63 12.83
CA GLU C 275 -19.08 27.17 13.00
C GLU C 275 -18.17 26.55 14.12
N GLY C 276 -18.73 25.47 14.71
CA GLY C 276 -18.04 24.57 15.65
C GLY C 276 -17.44 25.27 16.86
N LEU C 277 -17.96 26.45 17.14
CA LEU C 277 -17.50 27.30 18.22
C LEU C 277 -18.42 27.09 19.41
N VAL C 278 -17.89 27.48 20.56
CA VAL C 278 -18.64 27.61 21.77
C VAL C 278 -19.44 28.88 21.65
N LEU D 36 -26.25 -13.85 17.11
CA LEU D 36 -25.33 -12.97 17.93
C LEU D 36 -24.80 -13.56 19.27
N LEU D 37 -23.51 -13.94 19.26
CA LEU D 37 -22.84 -14.52 20.44
C LEU D 37 -22.64 -13.48 21.49
N SER D 38 -22.83 -13.88 22.75
CA SER D 38 -22.51 -13.01 23.92
C SER D 38 -21.00 -12.83 24.00
N HIS D 39 -20.50 -11.98 24.90
CA HIS D 39 -19.06 -11.93 25.16
C HIS D 39 -18.41 -13.28 25.51
N GLU D 40 -19.01 -13.98 26.46
CA GLU D 40 -18.49 -15.31 26.93
C GLU D 40 -18.61 -16.32 25.78
N GLU D 41 -19.71 -16.28 25.00
CA GLU D 41 -19.86 -17.21 23.88
C GLU D 41 -18.81 -16.95 22.74
N LEU D 42 -18.43 -15.67 22.57
CA LEU D 42 -17.50 -15.29 21.55
C LEU D 42 -16.12 -15.71 21.98
N GLU D 43 -15.76 -15.46 23.22
CA GLU D 43 -14.53 -15.97 23.76
C GLU D 43 -14.51 -17.48 23.65
N ALA D 44 -15.63 -18.14 23.92
CA ALA D 44 -15.71 -19.65 23.83
C ALA D 44 -15.45 -20.09 22.37
N ALA D 45 -16.01 -19.34 21.41
CA ALA D 45 -15.84 -19.72 20.03
C ALA D 45 -14.37 -19.51 19.59
N LEU D 46 -13.80 -18.42 20.01
CA LEU D 46 -12.42 -18.13 19.71
C LEU D 46 -11.46 -19.17 20.31
N ARG D 47 -11.66 -19.49 21.57
CA ARG D 47 -10.91 -20.50 22.22
C ARG D 47 -11.08 -21.88 21.54
N ASP D 48 -12.28 -22.21 21.09
CA ASP D 48 -12.46 -23.49 20.42
C ASP D 48 -11.57 -23.68 19.19
N ILE D 49 -11.53 -22.67 18.36
CA ILE D 49 -10.73 -22.68 17.16
C ILE D 49 -9.28 -22.76 17.57
N GLY D 50 -8.88 -21.98 18.55
CA GLY D 50 -7.52 -21.94 19.06
C GLY D 50 -7.10 -23.34 19.53
N ALA D 51 -7.98 -24.00 20.28
CA ALA D 51 -7.74 -25.37 20.69
C ALA D 51 -7.58 -26.30 19.51
N ARG D 52 -8.57 -26.34 18.62
CA ARG D 52 -8.60 -27.38 17.52
C ARG D 52 -7.44 -27.21 16.56
N ARG D 53 -7.03 -25.98 16.39
CA ARG D 53 -5.95 -25.65 15.43
C ARG D 53 -4.64 -25.20 16.09
N TYR D 54 -4.40 -25.66 17.33
CA TYR D 54 -3.30 -25.15 18.16
C TYR D 54 -2.00 -25.55 17.51
N HIS D 55 -1.18 -24.57 17.22
CA HIS D 55 0.04 -24.88 16.43
C HIS D 55 1.00 -25.87 17.08
N ASN D 56 1.00 -25.93 18.39
CA ASN D 56 1.80 -26.92 19.10
C ASN D 56 1.38 -28.35 18.91
N LEU D 57 0.25 -28.59 18.25
CA LEU D 57 -0.20 -29.91 17.94
C LEU D 57 0.07 -30.33 16.51
N HIS D 58 0.65 -29.44 15.71
CA HIS D 58 1.01 -29.79 14.36
C HIS D 58 2.03 -30.90 14.48
N PRO D 59 2.01 -31.86 13.57
CA PRO D 59 2.98 -32.89 13.74
C PRO D 59 4.47 -32.46 13.99
N PHE D 60 4.89 -31.35 13.42
CA PHE D 60 6.30 -30.99 13.51
C PHE D 60 6.48 -30.63 14.95
N HIS D 61 5.59 -29.86 15.51
CA HIS D 61 5.71 -29.50 16.96
C HIS D 61 5.58 -30.63 17.91
N ARG D 62 4.79 -31.61 17.56
CA ARG D 62 4.71 -32.87 18.32
C ARG D 62 6.08 -33.60 18.34
N LEU D 63 6.69 -33.75 17.17
CA LEU D 63 8.02 -34.27 17.13
C LEU D 63 8.99 -33.47 18.05
N LEU D 64 8.98 -32.18 17.95
CA LEU D 64 9.79 -31.27 18.74
C LEU D 64 9.67 -31.48 20.26
N HIS D 65 8.50 -31.24 20.79
CA HIS D 65 8.18 -31.48 22.18
C HIS D 65 8.50 -32.88 22.60
N ASP D 66 8.22 -33.86 21.77
CA ASP D 66 8.45 -35.25 22.17
C ASP D 66 9.97 -35.71 22.06
N GLY D 67 10.85 -34.75 21.74
CA GLY D 67 12.24 -35.01 21.68
C GLY D 67 12.63 -35.94 20.62
N LYS D 68 11.84 -36.02 19.54
CA LYS D 68 12.05 -36.89 18.46
C LYS D 68 12.76 -36.24 17.24
N LEU D 69 12.96 -34.94 17.18
CA LEU D 69 13.67 -34.32 16.06
C LEU D 69 15.21 -34.46 16.18
N SER D 70 15.90 -34.45 15.04
CA SER D 70 17.34 -34.45 15.04
C SER D 70 17.79 -33.04 15.26
N LYS D 71 19.10 -32.90 15.45
CA LYS D 71 19.79 -31.59 15.56
C LYS D 71 19.54 -30.69 14.37
N ASP D 72 19.73 -31.20 13.13
CA ASP D 72 19.41 -30.42 11.94
C ASP D 72 17.95 -29.93 11.86
N GLN D 73 17.02 -30.80 12.29
CA GLN D 73 15.59 -30.46 12.23
C GLN D 73 15.27 -29.33 13.26
N VAL D 74 15.77 -29.49 14.44
CA VAL D 74 15.76 -28.39 15.42
C VAL D 74 16.37 -27.13 14.92
N ARG D 75 17.54 -27.21 14.30
CA ARG D 75 18.12 -26.07 13.68
C ARG D 75 17.26 -25.36 12.64
N ALA D 76 16.62 -26.12 11.75
CA ALA D 76 15.82 -25.49 10.76
C ALA D 76 14.65 -24.79 11.45
N TRP D 77 14.09 -25.49 12.40
CA TRP D 77 12.99 -24.86 13.23
C TRP D 77 13.38 -23.56 13.91
N ALA D 78 14.52 -23.55 14.60
CA ALA D 78 14.97 -22.34 15.29
C ALA D 78 15.32 -21.16 14.36
N LEU D 79 15.91 -21.44 13.19
CA LEU D 79 16.18 -20.39 12.26
C LEU D 79 14.90 -19.72 11.67
N ASN D 80 13.91 -20.53 11.27
CA ASN D 80 12.70 -20.05 10.72
C ASN D 80 11.87 -19.30 11.86
N ARG D 81 11.86 -19.81 13.05
CA ARG D 81 11.13 -19.22 14.20
C ARG D 81 11.74 -17.79 14.44
N TYR D 82 13.05 -17.66 14.32
CA TYR D 82 13.68 -16.40 14.44
C TYR D 82 13.11 -15.40 13.49
N TYR D 83 12.98 -15.76 12.22
CA TYR D 83 12.48 -14.83 11.26
C TYR D 83 11.05 -14.40 11.66
N TYR D 84 10.25 -15.36 12.00
CA TYR D 84 8.82 -15.12 12.31
C TYR D 84 8.82 -14.12 13.49
N GLN D 85 9.54 -14.44 14.54
CA GLN D 85 9.66 -13.51 15.73
C GLN D 85 10.07 -12.13 15.42
N ALA D 86 10.99 -12.02 14.48
CA ALA D 86 11.65 -10.76 14.21
C ALA D 86 10.76 -9.93 13.37
N MET D 87 9.81 -10.56 12.62
CA MET D 87 8.78 -9.86 11.89
C MET D 87 7.55 -9.46 12.71
N ILE D 88 7.36 -10.00 13.89
CA ILE D 88 6.15 -9.59 14.67
C ILE D 88 6.06 -8.07 14.85
N PRO D 89 7.18 -7.35 15.18
CA PRO D 89 7.11 -5.89 15.30
C PRO D 89 6.86 -5.17 14.04
N VAL D 90 7.27 -5.77 12.92
CA VAL D 90 6.93 -5.21 11.63
C VAL D 90 5.39 -5.26 11.44
N LYS D 91 4.83 -6.40 11.79
CA LYS D 91 3.32 -6.61 11.76
C LYS D 91 2.69 -5.60 12.72
N ASP D 92 3.26 -5.49 13.94
CA ASP D 92 2.64 -4.55 14.93
C ASP D 92 2.72 -3.09 14.52
N ALA D 93 3.83 -2.71 13.88
CA ALA D 93 3.97 -1.35 13.44
C ALA D 93 2.98 -1.05 12.26
N ALA D 94 2.86 -2.00 11.31
CA ALA D 94 1.84 -1.91 10.25
C ALA D 94 0.50 -1.72 10.85
N LEU D 95 0.14 -2.44 11.91
CA LEU D 95 -1.17 -2.24 12.55
C LEU D 95 -1.23 -0.90 13.14
N LEU D 96 -0.19 -0.52 13.88
CA LEU D 96 -0.11 0.80 14.51
C LEU D 96 -0.35 2.03 13.59
N ALA D 97 0.28 1.97 12.44
CA ALA D 97 0.07 2.86 11.21
C ALA D 97 -1.38 3.04 10.75
N ARG D 98 -2.20 2.02 10.96
CA ARG D 98 -3.61 2.05 10.55
C ARG D 98 -4.55 2.22 11.77
N LEU D 99 -4.07 2.60 12.98
CA LEU D 99 -5.02 2.84 14.05
C LEU D 99 -5.58 4.29 13.98
N PRO D 100 -6.84 4.51 14.46
CA PRO D 100 -7.60 5.77 14.18
C PRO D 100 -7.27 6.89 15.06
N ASP D 101 -6.63 6.60 16.19
CA ASP D 101 -6.45 7.62 17.21
C ASP D 101 -5.31 7.30 18.18
N ALA D 102 -4.91 8.32 18.88
CA ALA D 102 -3.81 8.25 19.85
C ALA D 102 -4.03 7.24 20.94
N GLN D 103 -5.26 7.15 21.51
CA GLN D 103 -5.44 6.16 22.60
C GLN D 103 -5.16 4.72 22.15
N LEU D 104 -5.66 4.28 20.97
CA LEU D 104 -5.36 2.94 20.48
C LEU D 104 -3.86 2.81 20.22
N ARG D 105 -3.28 3.86 19.64
CA ARG D 105 -1.82 3.92 19.53
C ARG D 105 -1.03 3.79 20.82
N ARG D 106 -1.42 4.44 21.91
CA ARG D 106 -0.65 4.28 23.12
C ARG D 106 -0.66 2.84 23.63
N ILE D 107 -1.72 2.11 23.38
CA ILE D 107 -1.86 0.76 23.89
C ILE D 107 -1.11 -0.17 23.02
N TRP D 108 -1.35 -0.13 21.69
CA TRP D 108 -0.69 -1.06 20.76
C TRP D 108 0.85 -0.94 20.73
N ARG D 109 1.34 0.30 20.91
CA ARG D 109 2.82 0.58 20.87
C ARG D 109 3.63 -0.21 21.94
N GLN D 110 2.99 -0.55 23.06
CA GLN D 110 3.62 -1.49 24.04
C GLN D 110 4.15 -2.78 23.50
N ARG D 111 3.46 -3.35 22.55
CA ARG D 111 3.90 -4.52 21.83
C ARG D 111 5.25 -4.36 21.09
N ILE D 112 5.44 -3.20 20.48
CA ILE D 112 6.61 -2.94 19.77
C ILE D 112 7.70 -2.62 20.78
N VAL D 113 7.37 -1.83 21.80
CA VAL D 113 8.38 -1.52 22.86
C VAL D 113 8.89 -2.83 23.47
N ASP D 114 8.00 -3.74 23.83
CA ASP D 114 8.39 -5.03 24.44
C ASP D 114 9.18 -5.95 23.51
N HIS D 115 8.81 -6.04 22.23
CA HIS D 115 9.58 -6.85 21.34
C HIS D 115 11.01 -6.35 21.01
N ASP D 116 11.20 -5.03 20.78
CA ASP D 116 12.51 -4.48 20.36
C ASP D 116 13.34 -4.15 21.54
N GLY D 117 12.75 -3.80 22.68
CA GLY D 117 13.52 -3.34 23.78
C GLY D 117 14.10 -1.92 23.61
N ASP D 118 14.93 -1.54 24.57
CA ASP D 118 15.64 -0.20 24.66
C ASP D 118 17.07 -0.04 24.08
N HIS D 119 17.72 -1.14 23.74
CA HIS D 119 19.07 -1.19 23.20
C HIS D 119 19.23 -2.66 22.56
N GLU D 120 20.16 -2.86 21.56
CA GLU D 120 20.64 -4.16 21.08
C GLU D 120 21.05 -5.06 22.28
N GLY D 121 20.46 -6.25 22.33
CA GLY D 121 20.56 -7.20 23.46
C GLY D 121 19.29 -7.23 24.29
N ASP D 122 18.54 -6.13 24.31
CA ASP D 122 17.29 -6.04 25.03
C ASP D 122 16.09 -6.55 24.14
N GLY D 123 14.89 -6.66 24.71
CA GLY D 123 13.73 -6.93 23.88
C GLY D 123 13.43 -8.42 23.87
N GLY D 124 12.17 -8.80 23.70
CA GLY D 124 11.71 -10.21 23.58
C GLY D 124 12.27 -10.94 22.39
N ILE D 125 12.76 -10.22 21.38
CA ILE D 125 13.44 -10.89 20.29
C ILE D 125 14.81 -11.58 20.63
N GLU D 126 15.49 -11.06 21.66
CA GLU D 126 16.80 -11.49 21.89
C GLU D 126 16.82 -12.96 22.14
N ARG D 127 15.87 -13.45 22.87
CA ARG D 127 15.83 -14.85 23.25
C ARG D 127 15.84 -15.79 22.06
N TRP D 128 15.14 -15.40 20.98
CA TRP D 128 15.06 -16.24 19.76
C TRP D 128 16.34 -16.15 18.99
N LEU D 129 16.96 -15.00 19.03
CA LEU D 129 18.31 -14.96 18.48
C LEU D 129 19.29 -15.91 19.26
N LYS D 130 19.30 -15.83 20.60
CA LYS D 130 20.20 -16.67 21.36
C LYS D 130 19.78 -18.13 21.19
N LEU D 131 18.51 -18.42 20.95
CA LEU D 131 18.16 -19.82 20.70
C LEU D 131 18.86 -20.34 19.39
N ALA D 132 18.75 -19.57 18.31
CA ALA D 132 19.45 -19.88 17.03
C ALA D 132 21.00 -20.00 17.19
N GLU D 133 21.60 -19.03 17.87
CA GLU D 133 23.05 -19.15 18.30
C GLU D 133 23.38 -20.39 19.11
N GLY D 134 22.51 -20.73 20.08
CA GLY D 134 22.68 -21.88 20.93
C GLY D 134 22.51 -23.23 20.27
N VAL D 135 21.92 -23.35 19.04
CA VAL D 135 21.97 -24.59 18.32
C VAL D 135 23.06 -24.64 17.27
N GLY D 136 23.89 -23.61 17.18
CA GLY D 136 25.09 -23.61 16.28
C GLY D 136 25.21 -22.50 15.25
N PHE D 137 24.20 -21.62 15.12
CA PHE D 137 24.25 -20.66 14.04
C PHE D 137 25.17 -19.49 14.39
N THR D 138 25.83 -18.90 13.39
CA THR D 138 26.42 -17.57 13.61
C THR D 138 25.36 -16.45 13.66
N ARG D 139 25.66 -15.37 14.37
CA ARG D 139 24.68 -14.31 14.56
C ARG D 139 24.34 -13.70 13.20
N ASP D 140 25.38 -13.49 12.41
CA ASP D 140 25.23 -12.91 11.10
C ASP D 140 24.29 -13.71 10.22
N TYR D 141 24.41 -15.03 10.26
CA TYR D 141 23.68 -15.82 9.32
C TYR D 141 22.22 -15.74 9.76
N VAL D 142 21.97 -15.76 11.07
CA VAL D 142 20.56 -15.70 11.58
C VAL D 142 19.97 -14.36 11.23
N LEU D 143 20.67 -13.30 11.53
CA LEU D 143 20.17 -11.93 11.14
C LEU D 143 20.01 -11.67 9.65
N SER D 144 20.76 -12.37 8.81
CA SER D 144 20.70 -12.10 7.37
C SER D 144 19.36 -12.52 6.79
N THR D 145 18.74 -13.52 7.45
CA THR D 145 17.57 -14.22 6.98
C THR D 145 17.84 -15.08 5.80
N LYS D 146 19.10 -15.21 5.40
CA LYS D 146 19.39 -16.29 4.51
C LYS D 146 18.94 -17.66 5.09
N GLY D 147 18.53 -18.48 4.14
CA GLY D 147 18.23 -19.91 4.42
C GLY D 147 16.78 -20.19 4.87
N ILE D 148 16.02 -19.16 5.11
CA ILE D 148 14.65 -19.40 5.67
C ILE D 148 13.74 -19.97 4.57
N LEU D 149 12.78 -20.80 4.91
CA LEU D 149 11.80 -21.28 3.87
C LEU D 149 11.02 -20.12 3.26
N SER D 150 10.86 -20.11 1.97
CA SER D 150 9.89 -19.27 1.25
C SER D 150 8.52 -19.31 1.91
N ALA D 151 8.05 -20.49 2.34
CA ALA D 151 6.71 -20.60 2.94
C ALA D 151 6.67 -19.75 4.25
N THR D 152 7.80 -19.71 4.98
CA THR D 152 7.83 -18.82 6.13
C THR D 152 7.75 -17.35 5.72
N ARG D 153 8.45 -17.00 4.66
CA ARG D 153 8.47 -15.66 4.26
C ARG D 153 7.09 -15.28 3.83
N PHE D 154 6.43 -16.13 3.03
CA PHE D 154 5.10 -15.80 2.55
C PHE D 154 4.02 -15.72 3.63
N SER D 155 4.08 -16.64 4.57
CA SER D 155 3.14 -16.64 5.67
C SER D 155 3.26 -15.33 6.43
N VAL D 156 4.50 -14.86 6.75
CA VAL D 156 4.72 -13.55 7.39
C VAL D 156 4.27 -12.42 6.55
N ASP D 157 4.50 -12.49 5.21
CA ASP D 157 3.93 -11.51 4.27
C ASP D 157 2.41 -11.45 4.40
N ALA D 158 1.75 -12.58 4.54
CA ALA D 158 0.25 -12.65 4.41
C ALA D 158 -0.22 -11.95 5.74
N TYR D 159 0.47 -12.29 6.84
CA TYR D 159 0.10 -11.75 8.19
C TYR D 159 0.22 -10.24 8.23
N VAL D 160 1.35 -9.71 7.78
CA VAL D 160 1.56 -8.26 7.64
C VAL D 160 0.57 -7.55 6.81
N HIS D 161 0.27 -8.08 5.63
CA HIS D 161 -0.78 -7.61 4.76
C HIS D 161 -2.20 -7.72 5.31
N PHE D 162 -2.51 -8.82 5.99
CA PHE D 162 -3.78 -8.91 6.66
C PHE D 162 -4.00 -7.71 7.64
N VAL D 163 -3.10 -7.46 8.61
CA VAL D 163 -3.29 -6.40 9.57
C VAL D 163 -3.29 -5.04 8.95
N SER D 164 -2.68 -4.84 7.80
CA SER D 164 -2.73 -3.48 7.14
C SER D 164 -3.98 -3.29 6.32
N GLU D 165 -4.52 -4.36 5.74
CA GLU D 165 -5.63 -4.23 4.76
C GLU D 165 -7.01 -4.50 5.25
N ARG D 166 -7.18 -5.44 6.18
CA ARG D 166 -8.53 -5.86 6.60
C ARG D 166 -9.11 -4.88 7.60
N SER D 167 -10.35 -5.12 8.12
CA SER D 167 -10.94 -4.18 9.07
C SER D 167 -10.03 -4.17 10.34
N LEU D 168 -10.12 -3.09 11.09
CA LEU D 168 -9.40 -3.04 12.37
C LEU D 168 -9.79 -4.18 13.37
N LEU D 169 -10.99 -4.57 13.35
CA LEU D 169 -11.44 -5.62 14.20
C LEU D 169 -10.72 -6.94 13.85
N GLU D 170 -10.65 -7.21 12.54
CA GLU D 170 -9.93 -8.43 12.04
C GLU D 170 -8.45 -8.37 12.36
N ALA D 171 -7.87 -7.23 12.17
CA ALA D 171 -6.37 -7.01 12.45
C ALA D 171 -6.08 -7.33 13.87
N ILE D 172 -6.93 -6.80 14.76
CA ILE D 172 -6.78 -7.05 16.19
C ILE D 172 -7.07 -8.47 16.55
N ALA D 173 -8.11 -9.04 15.97
CA ALA D 173 -8.49 -10.39 16.27
C ALA D 173 -7.38 -11.39 15.91
N SER D 174 -6.68 -11.06 14.83
CA SER D 174 -5.63 -11.87 14.34
C SER D 174 -4.43 -11.77 15.22
N SER D 175 -4.38 -10.81 16.11
CA SER D 175 -3.19 -10.60 16.93
C SER D 175 -3.46 -11.00 18.37
N LEU D 176 -4.53 -11.74 18.61
CA LEU D 176 -4.72 -12.34 19.93
C LEU D 176 -3.45 -13.25 20.22
N ARG D 188 6.48 -21.93 27.05
CA ARG D 188 6.33 -23.30 26.60
C ARG D 188 7.70 -23.81 26.13
N VAL D 189 8.64 -22.91 25.81
CA VAL D 189 9.81 -23.30 25.01
C VAL D 189 10.76 -24.21 25.81
N ALA D 190 10.98 -23.97 27.11
CA ALA D 190 11.77 -24.91 27.93
C ALA D 190 11.14 -26.35 27.94
N GLY D 191 9.82 -26.43 28.01
CA GLY D 191 9.09 -27.71 28.06
C GLY D 191 9.12 -28.47 26.75
N MET D 192 9.16 -27.74 25.66
CA MET D 192 9.32 -28.31 24.31
C MET D 192 10.77 -28.67 23.95
N LEU D 193 11.79 -28.21 24.74
CA LEU D 193 13.21 -28.30 24.37
C LEU D 193 14.14 -28.98 25.36
N LYS D 194 13.93 -28.80 26.67
CA LYS D 194 14.66 -29.54 27.74
C LYS D 194 15.09 -30.98 27.42
N ASN D 195 14.37 -31.67 26.54
CA ASN D 195 14.71 -32.96 25.99
C ASN D 195 16.01 -33.03 25.10
N TYR D 196 16.53 -31.92 24.62
CA TYR D 196 17.53 -31.99 23.56
C TYR D 196 18.80 -31.66 24.37
N ASP D 197 19.67 -32.63 24.42
CA ASP D 197 20.91 -32.49 25.18
C ASP D 197 21.79 -31.38 24.66
N PHE D 198 21.80 -31.18 23.35
CA PHE D 198 22.68 -30.13 22.79
C PHE D 198 22.22 -28.72 23.07
N ILE D 199 21.14 -28.45 23.79
CA ILE D 199 20.81 -27.07 24.12
C ILE D 199 21.08 -26.88 25.58
N THR D 200 21.91 -25.90 25.90
CA THR D 200 22.42 -25.73 27.28
C THR D 200 21.30 -25.10 28.12
N LYS D 201 21.35 -25.34 29.40
CA LYS D 201 20.68 -24.52 30.45
C LYS D 201 20.81 -22.98 30.25
N ASP D 202 21.98 -22.53 29.86
CA ASP D 202 22.26 -21.11 29.64
C ASP D 202 21.52 -20.58 28.47
N THR D 203 21.49 -21.34 27.39
CA THR D 203 20.50 -21.00 26.30
C THR D 203 19.07 -20.93 26.83
N LEU D 204 18.57 -21.96 27.48
CA LEU D 204 17.17 -21.92 27.94
C LEU D 204 16.87 -20.79 28.96
N ALA D 205 17.88 -20.30 29.68
CA ALA D 205 17.74 -19.14 30.62
C ALA D 205 17.17 -17.83 30.01
N TYR D 206 17.43 -17.55 28.75
CA TYR D 206 16.81 -16.36 28.10
C TYR D 206 15.32 -16.49 28.01
N PHE D 207 14.80 -17.69 28.17
CA PHE D 207 13.37 -17.86 28.22
C PHE D 207 12.81 -17.90 29.67
N ASP D 208 13.59 -17.55 30.70
CA ASP D 208 13.08 -17.57 32.08
C ASP D 208 12.70 -16.16 32.43
N ALA D 218 -3.09 -6.57 28.89
CA ALA D 218 -3.06 -7.88 28.25
C ALA D 218 -4.44 -8.31 27.83
N ASP D 219 -5.45 -7.79 28.47
CA ASP D 219 -6.82 -8.11 28.15
C ASP D 219 -7.27 -7.39 26.87
N PHE D 220 -6.44 -6.50 26.35
CA PHE D 220 -7.05 -5.41 25.63
C PHE D 220 -7.55 -5.86 24.22
N ALA D 221 -6.74 -6.64 23.53
CA ALA D 221 -7.14 -7.14 22.25
C ALA D 221 -8.48 -7.97 22.31
N LEU D 222 -8.62 -8.91 23.23
CA LEU D 222 -9.85 -9.61 23.44
C LEU D 222 -11.06 -8.72 23.82
N ASP D 223 -10.89 -7.76 24.76
CA ASP D 223 -11.98 -6.85 25.17
C ASP D 223 -12.37 -5.99 23.96
N TYR D 224 -11.38 -5.66 23.09
CA TYR D 224 -11.65 -4.87 21.89
C TYR D 224 -12.57 -5.70 20.97
N VAL D 225 -12.22 -6.97 20.75
CA VAL D 225 -12.99 -7.78 19.82
C VAL D 225 -14.37 -8.00 20.43
N LYS D 226 -14.45 -8.27 21.74
CA LYS D 226 -15.85 -8.36 22.42
C LYS D 226 -16.64 -7.11 22.26
N ARG D 227 -16.06 -5.95 22.56
CA ARG D 227 -16.73 -4.63 22.46
C ARG D 227 -17.18 -4.32 21.05
N HIS D 228 -16.40 -4.72 20.00
CA HIS D 228 -16.67 -4.27 18.62
C HIS D 228 -17.22 -5.30 17.69
N ALA D 229 -17.21 -6.57 18.08
CA ALA D 229 -17.74 -7.60 17.22
C ALA D 229 -19.26 -7.70 17.56
N THR D 230 -20.05 -6.71 17.09
CA THR D 230 -21.44 -6.51 17.50
C THR D 230 -22.56 -6.95 16.50
N THR D 231 -22.22 -7.56 15.37
CA THR D 231 -23.21 -8.05 14.40
C THR D 231 -22.73 -9.45 14.15
N PRO D 232 -23.61 -10.28 13.63
CA PRO D 232 -23.16 -11.61 13.30
C PRO D 232 -22.06 -11.70 12.19
N GLU D 233 -22.14 -10.87 11.17
CA GLU D 233 -21.07 -10.54 10.24
C GLU D 233 -19.68 -10.29 10.90
N MET D 234 -19.65 -9.38 11.89
CA MET D 234 -18.44 -8.95 12.51
C MET D 234 -17.88 -10.02 13.39
N GLN D 235 -18.75 -10.79 14.03
CA GLN D 235 -18.27 -11.93 14.89
C GLN D 235 -17.63 -13.03 13.98
N ARG D 236 -18.29 -13.38 12.84
CA ARG D 236 -17.72 -14.32 11.83
C ARG D 236 -16.36 -13.82 11.30
N ALA D 237 -16.26 -12.51 11.03
CA ALA D 237 -15.06 -11.91 10.57
C ALA D 237 -13.92 -12.04 11.70
N ALA D 238 -14.25 -11.73 12.96
CA ALA D 238 -13.37 -11.99 14.04
C ALA D 238 -12.92 -13.41 14.18
N ILE D 239 -13.84 -14.31 14.03
CA ILE D 239 -13.53 -15.75 14.11
C ILE D 239 -12.62 -16.24 12.93
N ASP D 240 -12.89 -15.75 11.75
CA ASP D 240 -12.14 -16.04 10.58
C ASP D 240 -10.76 -15.44 10.66
N ALA D 241 -10.65 -14.30 11.30
CA ALA D 241 -9.35 -13.67 11.60
C ALA D 241 -8.38 -14.49 12.44
N LEU D 242 -8.89 -14.97 13.55
CA LEU D 242 -8.16 -15.96 14.37
C LEU D 242 -7.77 -17.25 13.61
N THR D 243 -8.70 -17.74 12.79
CA THR D 243 -8.48 -18.88 11.95
C THR D 243 -7.34 -18.59 10.92
N PHE D 244 -7.34 -17.43 10.29
CA PHE D 244 -6.30 -17.00 9.45
C PHE D 244 -4.95 -17.05 10.17
N LYS D 245 -4.89 -16.49 11.38
CA LYS D 245 -3.69 -16.51 12.13
C LYS D 245 -3.25 -17.95 12.44
N CYS D 246 -4.20 -18.85 12.77
CA CYS D 246 -3.82 -20.25 13.01
C CYS D 246 -3.18 -20.92 11.70
N ASN D 247 -3.69 -20.48 10.51
CA ASN D 247 -3.19 -20.90 9.19
C ASN D 247 -1.82 -20.35 8.90
N VAL D 248 -1.55 -19.10 9.30
CA VAL D 248 -0.21 -18.54 9.27
C VAL D 248 0.87 -19.45 9.93
N LEU D 249 0.57 -19.84 11.14
CA LEU D 249 1.40 -20.67 11.94
C LEU D 249 1.56 -22.12 11.37
N TRP D 250 0.40 -22.66 10.95
CA TRP D 250 0.24 -24.06 10.44
C TRP D 250 1.05 -24.23 9.16
N THR D 251 0.99 -23.25 8.30
CA THR D 251 1.68 -23.32 7.02
C THR D 251 3.20 -23.35 7.10
N GLN D 252 3.76 -22.55 8.02
CA GLN D 252 5.16 -22.60 8.38
C GLN D 252 5.64 -24.00 8.82
N LEU D 253 4.82 -24.69 9.59
CA LEU D 253 5.11 -26.02 10.20
C LEU D 253 4.97 -27.06 9.12
N ASP D 254 3.94 -26.97 8.28
CA ASP D 254 3.82 -27.84 7.10
C ASP D 254 5.15 -27.79 6.24
N ALA D 255 5.68 -26.59 5.94
CA ALA D 255 6.95 -26.43 5.14
C ALA D 255 8.18 -27.03 5.84
N LEU D 256 8.38 -26.76 7.14
CA LEU D 256 9.28 -27.42 7.97
C LEU D 256 9.36 -28.92 7.97
N TYR D 257 8.20 -29.54 8.04
CA TYR D 257 8.05 -30.94 8.05
C TYR D 257 8.35 -31.51 6.63
N PHE D 258 7.82 -30.85 5.62
CA PHE D 258 8.06 -31.29 4.20
C PHE D 258 9.57 -31.21 3.90
N ALA D 259 10.20 -30.10 4.31
CA ALA D 259 11.55 -29.80 3.93
C ALA D 259 12.55 -30.61 4.69
N TYR D 260 12.32 -30.81 5.98
CA TYR D 260 13.28 -31.39 6.83
C TYR D 260 12.96 -32.72 7.50
N VAL D 261 11.71 -33.19 7.33
CA VAL D 261 11.24 -34.38 8.00
C VAL D 261 10.87 -35.38 6.99
N ALA D 262 9.82 -35.16 6.28
CA ALA D 262 9.43 -36.12 5.25
C ALA D 262 8.57 -35.32 4.32
N PRO D 263 8.82 -35.37 3.01
CA PRO D 263 9.78 -36.34 2.44
C PRO D 263 11.12 -35.83 2.46
N GLY D 264 11.38 -34.66 3.00
CA GLY D 264 12.79 -34.22 3.16
C GLY D 264 13.25 -33.50 1.95
N MET D 265 12.36 -32.79 1.24
CA MET D 265 12.78 -32.12 0.00
C MET D 265 13.07 -30.65 0.29
N VAL D 266 14.33 -30.31 0.50
CA VAL D 266 14.74 -28.96 0.83
C VAL D 266 14.65 -28.09 -0.41
N PRO D 267 13.76 -27.06 -0.38
CA PRO D 267 13.80 -26.14 -1.47
C PRO D 267 15.13 -25.50 -1.81
N PRO D 268 15.29 -25.11 -3.07
CA PRO D 268 16.49 -24.35 -3.38
C PRO D 268 16.94 -23.10 -2.49
N ASP D 269 16.23 -22.20 -1.94
CA ASP D 269 17.35 -21.30 -1.24
C ASP D 269 17.53 -21.56 0.30
N ALA D 270 16.93 -22.66 0.73
CA ALA D 270 16.63 -22.89 2.10
C ALA D 270 17.84 -23.51 2.71
N TRP D 271 18.02 -23.27 3.99
CA TRP D 271 19.15 -23.79 4.80
C TRP D 271 19.29 -25.28 4.59
N GLN D 272 20.53 -25.66 4.39
CA GLN D 272 20.98 -27.07 4.37
C GLN D 272 21.91 -27.28 5.51
N PRO D 273 21.95 -28.50 6.07
CA PRO D 273 22.93 -28.92 7.10
C PRO D 273 24.33 -28.47 6.82
N GLY D 274 25.01 -27.91 7.81
CA GLY D 274 26.39 -27.43 7.60
C GLY D 274 26.52 -25.90 7.24
N GLU D 275 25.49 -25.23 6.70
CA GLU D 275 25.56 -23.80 6.35
C GLU D 275 25.33 -22.88 7.55
N GLY D 276 26.06 -21.76 7.58
CA GLY D 276 25.78 -20.64 8.48
C GLY D 276 26.11 -20.89 9.96
N LEU D 277 26.88 -21.95 10.18
CA LEU D 277 27.18 -22.49 11.50
C LEU D 277 28.50 -21.99 12.11
N VAL D 278 28.59 -22.03 13.44
CA VAL D 278 29.89 -22.14 14.12
C VAL D 278 30.19 -20.86 14.76
#